data_3Q10
#
_entry.id   3Q10
#
_cell.length_a   44.809
_cell.length_b   77.241
_cell.length_c   98.462
_cell.angle_alpha   101.330
_cell.angle_beta   94.910
_cell.angle_gamma   94.370
#
_symmetry.space_group_name_H-M   'P 1'
#
loop_
_entity.id
_entity.type
_entity.pdbx_description
1 polymer 'Pantoate--beta-alanine ligase'
2 non-polymer 'ADENOSINE MONOPHOSPHATE'
3 non-polymer GLYCEROL
4 non-polymer IMIDAZOLE
5 non-polymer 'CHLORIDE ION'
6 water water
#
_entity_poly.entity_id   1
_entity_poly.type   'polypeptide(L)'
_entity_poly.pdbx_seq_one_letter_code
;SNAMLIIETLPLLRQQIRRWRQEGKRIALVPTMGNLHEGHMTLVDEAKTRADVVVVTIFVNPLQFERPDDLAHYPRTLQE
DCEKLTRHGADLVFAPAAADIYPAGLEKQTYVDVPALSTILEGASRPGHFRGVSTIVSKLFNLIQPDVACFGEKDYQQLA
LIRKMVADMGYDINIVGVPTVRAKDGLALSSRNGYLTEEERQIAPQLSKIMWALAEKMALGERQIDALLEEAAAQLLRVG
FTPDELFIRDAETLQPLTVDSQQAVILMAAWLGKARLIDNQLVDLRH
;
_entity_poly.pdbx_strand_id   A,B,C,D
#
# COMPACT_ATOMS: atom_id res chain seq x y z
N ALA A 3 12.09 6.02 -17.96
CA ALA A 3 12.90 7.21 -17.61
C ALA A 3 12.09 8.01 -16.58
N MET A 4 12.78 8.52 -15.57
CA MET A 4 12.15 9.25 -14.46
C MET A 4 11.55 10.52 -15.04
N LEU A 5 10.34 10.88 -14.60
CA LEU A 5 9.70 12.11 -15.01
C LEU A 5 9.92 13.14 -13.94
N ILE A 6 9.85 14.38 -14.33
CA ILE A 6 9.91 15.51 -13.42
C ILE A 6 8.71 16.35 -13.78
N ILE A 7 7.90 16.65 -12.78
CA ILE A 7 6.69 17.48 -12.95
C ILE A 7 6.66 18.62 -11.94
N GLU A 8 6.32 19.82 -12.41
CA GLU A 8 6.18 20.98 -11.54
C GLU A 8 4.75 21.38 -11.29
N THR A 9 3.89 21.18 -12.26
CA THR A 9 2.55 21.78 -12.18
C THR A 9 1.53 20.78 -11.68
N LEU A 10 0.55 21.32 -10.97
CA LEU A 10 -0.50 20.42 -10.42
C LEU A 10 -1.38 19.72 -11.51
N PRO A 11 -1.76 20.43 -12.56
CA PRO A 11 -2.50 19.75 -13.64
C PRO A 11 -1.73 18.68 -14.34
N LEU A 12 -0.44 18.86 -14.54
CA LEU A 12 0.37 17.82 -15.15
C LEU A 12 0.58 16.65 -14.23
N LEU A 13 0.78 16.92 -12.93
CA LEU A 13 0.79 15.84 -11.98
C LEU A 13 -0.47 15.01 -12.02
N ARG A 14 -1.61 15.65 -12.00
CA ARG A 14 -2.89 14.87 -12.03
CA ARG A 14 -2.90 14.91 -12.08
C ARG A 14 -3.05 14.03 -13.33
N GLN A 15 -2.60 14.56 -14.46
CA GLN A 15 -2.66 13.78 -15.66
C GLN A 15 -1.87 12.48 -15.54
N GLN A 16 -0.71 12.54 -14.89
CA GLN A 16 0.15 11.39 -14.82
C GLN A 16 -0.39 10.37 -13.81
N ILE A 17 -0.91 10.86 -12.68
CA ILE A 17 -1.45 9.99 -11.63
C ILE A 17 -2.69 9.26 -12.24
N ARG A 18 -3.48 9.98 -13.00
CA ARG A 18 -4.63 9.29 -13.70
C ARG A 18 -4.19 8.18 -14.65
N ARG A 19 -3.12 8.40 -15.41
CA ARG A 19 -2.62 7.40 -16.36
CA ARG A 19 -2.63 7.39 -16.37
C ARG A 19 -2.16 6.16 -15.63
N TRP A 20 -1.41 6.37 -14.53
CA TRP A 20 -0.91 5.21 -13.78
C TRP A 20 -2.04 4.38 -13.20
N ARG A 21 -3.07 5.02 -12.70
CA ARG A 21 -4.24 4.33 -12.18
C ARG A 21 -5.00 3.57 -13.30
N GLN A 22 -5.06 4.17 -14.49
CA GLN A 22 -5.60 3.48 -15.65
CA GLN A 22 -5.63 3.49 -15.66
C GLN A 22 -4.80 2.26 -16.02
N GLU A 23 -3.49 2.32 -15.75
CA GLU A 23 -2.63 1.17 -16.02
C GLU A 23 -2.63 0.13 -14.92
N GLY A 24 -3.46 0.36 -13.91
CA GLY A 24 -3.58 -0.50 -12.72
C GLY A 24 -2.39 -0.51 -11.77
N LYS A 25 -1.66 0.61 -11.70
CA LYS A 25 -0.42 0.65 -10.92
C LYS A 25 -0.72 0.97 -9.48
N ARG A 26 0.00 0.32 -8.58
CA ARG A 26 0.00 0.75 -7.19
CA ARG A 26 0.06 0.70 -7.17
C ARG A 26 1.07 1.83 -7.04
N ILE A 27 0.77 2.84 -6.25
CA ILE A 27 1.65 4.03 -6.13
C ILE A 27 2.15 4.25 -4.71
N ALA A 28 3.46 4.52 -4.55
CA ALA A 28 4.08 4.87 -3.29
C ALA A 28 4.51 6.32 -3.32
N LEU A 29 4.42 7.02 -2.19
CA LEU A 29 4.75 8.42 -2.12
C LEU A 29 5.85 8.61 -1.06
N VAL A 30 6.86 9.43 -1.37
CA VAL A 30 7.90 9.79 -0.43
C VAL A 30 8.01 11.30 -0.38
N PRO A 31 7.45 11.91 0.65
CA PRO A 31 7.55 13.37 0.72
C PRO A 31 8.91 13.87 1.29
N THR A 32 9.51 14.91 0.66
CA THR A 32 10.78 15.47 1.10
C THR A 32 10.80 16.96 0.90
N MET A 33 11.78 17.59 1.52
CA MET A 33 11.97 18.98 1.29
C MET A 33 13.28 19.22 0.51
N GLY A 34 13.75 18.23 -0.23
CA GLY A 34 14.89 18.40 -1.14
C GLY A 34 16.25 18.34 -0.43
N ASN A 35 17.28 18.69 -1.17
CA ASN A 35 18.67 18.60 -0.71
C ASN A 35 18.92 17.21 -0.21
N LEU A 36 18.65 16.27 -1.11
CA LEU A 36 18.59 14.84 -0.72
C LEU A 36 19.93 14.17 -0.43
N HIS A 37 19.87 13.28 0.55
CA HIS A 37 21.01 12.56 1.01
C HIS A 37 20.67 11.09 1.02
N GLU A 38 21.60 10.28 1.52
CA GLU A 38 21.49 8.85 1.51
CA GLU A 38 21.47 8.83 1.49
C GLU A 38 20.28 8.33 2.32
N GLY A 39 19.90 9.07 3.35
CA GLY A 39 18.68 8.74 4.11
C GLY A 39 17.44 8.79 3.21
N HIS A 40 17.32 9.89 2.46
CA HIS A 40 16.20 9.98 1.51
C HIS A 40 16.25 8.81 0.52
N MET A 41 17.44 8.47 0.04
CA MET A 41 17.55 7.41 -0.99
C MET A 41 17.07 6.06 -0.43
N THR A 42 17.27 5.83 0.87
CA THR A 42 16.82 4.59 1.49
CA THR A 42 16.80 4.58 1.49
C THR A 42 15.29 4.55 1.55
N LEU A 43 14.63 5.70 1.79
CA LEU A 43 13.14 5.75 1.74
C LEU A 43 12.70 5.34 0.36
N VAL A 44 13.40 5.87 -0.66
CA VAL A 44 12.98 5.61 -2.06
C VAL A 44 13.12 4.15 -2.37
N ASP A 45 14.27 3.58 -2.02
CA ASP A 45 14.50 2.16 -2.17
C ASP A 45 13.41 1.32 -1.45
N GLU A 46 13.10 1.67 -0.22
CA GLU A 46 11.96 1.00 0.49
C GLU A 46 10.63 1.11 -0.24
N ALA A 47 10.30 2.32 -0.71
CA ALA A 47 9.05 2.49 -1.42
C ALA A 47 8.91 1.69 -2.70
N LYS A 48 10.03 1.51 -3.40
CA LYS A 48 10.09 0.72 -4.63
C LYS A 48 9.78 -0.78 -4.39
N THR A 49 10.01 -1.26 -3.17
CA THR A 49 9.63 -2.63 -2.76
C THR A 49 8.13 -2.80 -2.44
N ARG A 50 7.39 -1.68 -2.40
CA ARG A 50 6.01 -1.65 -1.91
C ARG A 50 4.93 -1.22 -2.92
N ALA A 51 5.35 -0.83 -4.12
CA ALA A 51 4.43 -0.39 -5.13
C ALA A 51 5.09 -0.53 -6.47
N ASP A 52 4.29 -0.31 -7.50
CA ASP A 52 4.75 -0.35 -8.88
C ASP A 52 5.54 0.90 -9.28
N VAL A 53 5.09 2.08 -8.87
CA VAL A 53 5.74 3.33 -9.18
C VAL A 53 5.91 4.14 -7.89
N VAL A 54 6.99 4.90 -7.80
CA VAL A 54 7.29 5.75 -6.65
C VAL A 54 7.32 7.20 -7.09
N VAL A 55 6.51 8.01 -6.38
CA VAL A 55 6.53 9.44 -6.53
C VAL A 55 7.30 10.05 -5.39
N VAL A 56 8.33 10.86 -5.69
CA VAL A 56 9.07 11.55 -4.65
C VAL A 56 8.71 12.99 -4.80
N THR A 57 8.35 13.64 -3.70
CA THR A 57 8.02 15.10 -3.72
C THR A 57 9.20 15.89 -3.15
N ILE A 58 9.47 17.07 -3.74
CA ILE A 58 10.49 17.94 -3.28
C ILE A 58 9.84 19.30 -3.15
N PHE A 59 9.66 19.75 -1.92
CA PHE A 59 8.99 21.02 -1.67
C PHE A 59 9.35 21.49 -0.30
N VAL A 60 10.02 22.63 -0.29
CA VAL A 60 10.41 23.31 0.93
C VAL A 60 9.13 24.03 1.34
N ASN A 61 8.49 23.52 2.37
CA ASN A 61 7.14 23.93 2.72
C ASN A 61 7.15 25.12 3.71
N PRO A 62 6.80 26.32 3.26
CA PRO A 62 6.91 27.46 4.17
C PRO A 62 6.03 27.40 5.43
N LEU A 63 4.94 26.65 5.35
CA LEU A 63 4.00 26.60 6.42
C LEU A 63 4.60 25.87 7.61
N GLN A 64 5.61 25.01 7.40
CA GLN A 64 6.18 24.29 8.52
C GLN A 64 7.40 24.95 9.15
N PHE A 65 7.78 26.15 8.67
CA PHE A 65 8.97 26.85 9.19
C PHE A 65 8.47 27.90 10.16
N GLU A 66 8.74 27.71 11.42
CA GLU A 66 8.38 28.73 12.43
C GLU A 66 9.49 29.78 12.59
N ARG A 67 10.67 29.54 12.01
CA ARG A 67 11.77 30.53 11.97
C ARG A 67 12.08 31.01 10.55
N PRO A 68 11.88 32.33 10.30
CA PRO A 68 12.07 32.91 8.98
C PRO A 68 13.50 32.75 8.45
N ASP A 69 14.47 32.69 9.36
CA ASP A 69 15.89 32.61 9.01
C ASP A 69 16.19 31.20 8.45
N ASP A 70 15.51 30.24 9.05
CA ASP A 70 15.63 28.83 8.66
C ASP A 70 15.05 28.64 7.21
N LEU A 71 13.85 29.16 6.94
CA LEU A 71 13.26 29.09 5.58
C LEU A 71 14.16 29.70 4.47
N ALA A 72 14.64 30.90 4.76
CA ALA A 72 15.44 31.67 3.82
C ALA A 72 16.70 30.93 3.43
N HIS A 73 17.31 30.22 4.37
CA HIS A 73 18.56 29.56 4.13
C HIS A 73 18.48 28.07 3.87
N TYR A 74 17.27 27.50 3.85
CA TYR A 74 17.19 26.07 3.70
C TYR A 74 17.80 25.74 2.32
N PRO A 75 18.57 24.65 2.25
CA PRO A 75 19.27 24.42 1.01
C PRO A 75 18.36 23.97 -0.15
N ARG A 76 18.63 24.52 -1.35
CA ARG A 76 17.89 24.14 -2.57
CA ARG A 76 17.89 24.21 -2.59
C ARG A 76 18.89 23.67 -3.60
N THR A 77 18.77 22.39 -3.97
CA THR A 77 19.75 21.73 -4.85
C THR A 77 18.99 20.81 -5.83
N LEU A 78 17.99 21.38 -6.50
CA LEU A 78 17.04 20.54 -7.21
C LEU A 78 17.71 19.62 -8.27
N GLN A 79 18.63 20.18 -9.08
CA GLN A 79 19.26 19.38 -10.12
CA GLN A 79 19.26 19.40 -10.13
C GLN A 79 20.04 18.22 -9.52
N GLU A 80 20.80 18.45 -8.43
CA GLU A 80 21.54 17.38 -7.80
CA GLU A 80 21.56 17.39 -7.78
C GLU A 80 20.58 16.30 -7.28
N ASP A 81 19.48 16.75 -6.67
CA ASP A 81 18.46 15.86 -6.09
C ASP A 81 17.91 14.95 -7.17
N CYS A 82 17.54 15.55 -8.31
CA CYS A 82 16.95 14.74 -9.41
C CYS A 82 17.93 13.70 -9.96
N GLU A 83 19.20 14.10 -10.12
CA GLU A 83 20.22 13.14 -10.58
C GLU A 83 20.44 11.96 -9.64
N LYS A 84 20.44 12.18 -8.32
CA LYS A 84 20.47 11.02 -7.39
C LYS A 84 19.24 10.15 -7.51
N LEU A 85 18.05 10.77 -7.61
CA LEU A 85 16.81 10.00 -7.68
C LEU A 85 16.76 9.13 -8.95
N THR A 86 17.37 9.61 -10.04
CA THR A 86 17.37 8.82 -11.28
C THR A 86 18.08 7.47 -11.02
N ARG A 87 19.08 7.46 -10.15
CA ARG A 87 19.84 6.20 -9.92
C ARG A 87 19.17 5.29 -8.93
N HIS A 88 18.22 5.80 -8.17
CA HIS A 88 17.46 4.99 -7.21
C HIS A 88 16.10 4.61 -7.74
N GLY A 89 15.84 4.96 -9.00
CA GLY A 89 14.71 4.43 -9.76
C GLY A 89 13.36 5.00 -9.42
N ALA A 90 13.35 6.18 -8.77
CA ALA A 90 12.14 6.97 -8.55
C ALA A 90 11.52 7.08 -9.93
N ASP A 91 10.19 7.09 -10.01
CA ASP A 91 9.47 7.11 -11.31
C ASP A 91 9.05 8.52 -11.61
N LEU A 92 8.86 9.30 -10.59
CA LEU A 92 8.42 10.70 -10.79
C LEU A 92 8.89 11.56 -9.64
N VAL A 93 9.36 12.75 -9.93
CA VAL A 93 9.72 13.73 -8.92
C VAL A 93 8.71 14.86 -9.17
N PHE A 94 7.97 15.26 -8.12
CA PHE A 94 7.03 16.37 -8.18
C PHE A 94 7.69 17.50 -7.43
N ALA A 95 8.01 18.60 -8.11
CA ALA A 95 8.75 19.70 -7.53
C ALA A 95 8.00 21.03 -7.82
N PRO A 96 6.94 21.26 -7.02
CA PRO A 96 6.15 22.45 -7.26
C PRO A 96 6.67 23.73 -6.69
N ALA A 97 6.29 24.84 -7.34
CA ALA A 97 6.54 26.17 -6.79
C ALA A 97 5.58 26.46 -5.64
N ALA A 98 6.05 27.19 -4.63
CA ALA A 98 5.20 27.64 -3.53
C ALA A 98 3.96 28.41 -4.04
N ALA A 99 4.13 29.20 -5.10
CA ALA A 99 3.04 30.07 -5.57
C ALA A 99 1.91 29.22 -6.15
N ASP A 100 2.23 28.00 -6.56
CA ASP A 100 1.24 27.05 -7.01
C ASP A 100 0.55 26.22 -5.91
N ILE A 101 1.30 25.89 -4.86
CA ILE A 101 0.79 25.13 -3.71
C ILE A 101 -0.05 26.04 -2.82
N TYR A 102 0.38 27.28 -2.68
CA TYR A 102 -0.26 28.30 -1.84
C TYR A 102 -0.44 29.61 -2.63
N PRO A 103 -1.31 29.63 -3.64
CA PRO A 103 -1.38 30.77 -4.61
C PRO A 103 -1.69 32.13 -4.03
N ALA A 104 -2.43 32.13 -2.91
CA ALA A 104 -2.76 33.38 -2.17
C ALA A 104 -1.92 33.55 -0.89
N GLY A 105 -0.82 32.83 -0.79
CA GLY A 105 -0.01 32.88 0.42
C GLY A 105 -0.66 32.10 1.55
N LEU A 106 -0.16 32.29 2.75
CA LEU A 106 -0.42 31.38 3.86
C LEU A 106 -1.50 31.87 4.80
N GLU A 107 -1.78 33.17 4.77
CA GLU A 107 -2.70 33.79 5.75
CA GLU A 107 -2.68 33.77 5.76
C GLU A 107 -4.10 33.13 5.72
N LYS A 108 -4.56 32.81 4.53
CA LYS A 108 -5.92 32.35 4.40
C LYS A 108 -5.96 30.91 3.89
N GLN A 109 -4.82 30.23 3.94
CA GLN A 109 -4.70 28.86 3.47
C GLN A 109 -5.41 27.91 4.48
N THR A 110 -6.30 27.08 3.94
CA THR A 110 -6.95 25.98 4.65
C THR A 110 -5.88 25.10 5.28
N TYR A 111 -6.04 24.71 6.56
CA TYR A 111 -5.05 23.92 7.21
C TYR A 111 -5.67 22.72 7.91
N VAL A 112 -4.81 21.77 8.14
CA VAL A 112 -5.14 20.55 8.87
C VAL A 112 -4.28 20.53 10.17
N ASP A 113 -4.89 20.28 11.33
CA ASP A 113 -4.22 20.25 12.64
CA ASP A 113 -4.17 20.22 12.60
C ASP A 113 -4.53 18.89 13.28
N VAL A 114 -3.52 18.26 13.87
CA VAL A 114 -3.63 16.98 14.57
C VAL A 114 -3.45 17.30 16.05
N PRO A 115 -4.53 17.65 16.74
CA PRO A 115 -4.25 18.23 18.10
C PRO A 115 -3.77 17.21 19.13
N ALA A 116 -3.85 15.93 18.80
CA ALA A 116 -3.37 14.89 19.68
C ALA A 116 -1.83 14.89 19.93
N LEU A 117 -1.09 15.42 18.98
CA LEU A 117 0.33 15.27 18.91
C LEU A 117 1.04 16.56 18.49
N SER A 118 0.31 17.59 18.06
CA SER A 118 0.94 18.76 17.46
C SER A 118 1.55 19.77 18.45
N THR A 119 1.12 19.67 19.69
CA THR A 119 1.49 20.69 20.70
C THR A 119 2.35 20.13 21.82
N ILE A 120 2.63 18.83 21.83
CA ILE A 120 3.49 18.30 22.89
C ILE A 120 4.89 17.98 22.33
N LEU A 121 5.84 17.74 23.22
CA LEU A 121 7.12 17.23 22.82
C LEU A 121 7.77 18.15 21.78
N GLU A 122 8.16 17.62 20.61
CA GLU A 122 8.78 18.44 19.56
C GLU A 122 7.84 19.56 19.12
N GLY A 123 6.53 19.34 19.26
CA GLY A 123 5.55 20.40 18.88
C GLY A 123 5.51 21.56 19.84
N ALA A 124 5.82 21.27 21.12
CA ALA A 124 5.99 22.32 22.11
C ALA A 124 7.24 23.16 21.82
N SER A 125 8.32 22.49 21.43
CA SER A 125 9.57 23.16 21.09
C SER A 125 9.46 23.92 19.77
N ARG A 126 8.57 23.44 18.85
CA ARG A 126 8.36 24.09 17.56
C ARG A 126 6.85 24.44 17.32
N PRO A 127 6.37 25.50 17.97
CA PRO A 127 4.97 25.85 17.79
C PRO A 127 4.69 26.25 16.33
N GLY A 128 3.56 25.77 15.78
CA GLY A 128 3.17 26.06 14.38
C GLY A 128 3.71 25.08 13.36
N HIS A 129 4.82 24.41 13.71
CA HIS A 129 5.50 23.53 12.76
C HIS A 129 4.59 22.37 12.30
N PHE A 130 3.99 21.66 13.24
CA PHE A 130 3.29 20.43 12.84
C PHE A 130 2.05 20.73 12.07
N ARG A 131 1.44 21.89 12.27
CA ARG A 131 0.31 22.25 11.46
C ARG A 131 0.75 22.34 9.98
N GLY A 132 1.94 22.84 9.74
CA GLY A 132 2.47 22.90 8.42
C GLY A 132 2.68 21.55 7.82
N VAL A 133 3.12 20.63 8.67
CA VAL A 133 3.38 19.27 8.23
C VAL A 133 2.09 18.54 7.82
N SER A 134 1.12 18.49 8.73
CA SER A 134 -0.12 17.86 8.40
C SER A 134 -0.84 18.52 7.19
N THR A 135 -0.77 19.83 7.04
CA THR A 135 -1.38 20.47 5.94
C THR A 135 -0.76 20.03 4.60
N ILE A 136 0.56 20.10 4.47
CA ILE A 136 1.18 19.79 3.20
C ILE A 136 1.02 18.27 2.92
N VAL A 137 1.14 17.45 3.96
CA VAL A 137 1.05 15.98 3.75
C VAL A 137 -0.39 15.58 3.32
N SER A 138 -1.39 16.19 3.94
CA SER A 138 -2.75 16.00 3.53
C SER A 138 -2.91 16.43 2.06
N LYS A 139 -2.38 17.58 1.68
CA LYS A 139 -2.54 18.06 0.34
C LYS A 139 -1.88 17.11 -0.67
N LEU A 140 -0.68 16.65 -0.36
CA LEU A 140 0.01 15.64 -1.20
C LEU A 140 -0.75 14.36 -1.32
N PHE A 141 -1.30 13.91 -0.19
CA PHE A 141 -2.19 12.74 -0.25
C PHE A 141 -3.39 12.91 -1.16
N ASN A 142 -4.03 14.09 -1.14
CA ASN A 142 -5.19 14.34 -1.98
C ASN A 142 -4.80 14.45 -3.43
N LEU A 143 -3.64 15.02 -3.68
CA LEU A 143 -3.14 15.21 -5.08
C LEU A 143 -2.72 13.89 -5.72
N ILE A 144 -2.14 13.02 -4.93
CA ILE A 144 -1.49 11.82 -5.45
C ILE A 144 -2.30 10.54 -5.18
N GLN A 145 -3.06 10.52 -4.10
CA GLN A 145 -3.83 9.37 -3.71
C GLN A 145 -2.97 8.10 -3.72
N PRO A 146 -1.83 8.12 -3.03
CA PRO A 146 -0.99 6.92 -3.01
C PRO A 146 -1.58 5.70 -2.24
N ASP A 147 -1.14 4.50 -2.56
CA ASP A 147 -1.49 3.35 -1.75
C ASP A 147 -0.66 3.25 -0.48
N VAL A 148 0.59 3.69 -0.60
CA VAL A 148 1.64 3.55 0.44
CA VAL A 148 1.50 3.65 0.53
C VAL A 148 2.36 4.89 0.53
N ALA A 149 2.73 5.33 1.74
CA ALA A 149 3.64 6.49 1.89
C ALA A 149 4.71 6.17 2.89
N CYS A 150 5.96 6.51 2.58
CA CYS A 150 7.06 6.19 3.47
C CYS A 150 7.65 7.41 4.12
N PHE A 151 7.96 7.28 5.40
CA PHE A 151 8.52 8.36 6.23
C PHE A 151 9.67 7.78 7.11
N GLY A 152 10.56 8.67 7.53
CA GLY A 152 11.75 8.29 8.29
C GLY A 152 11.44 8.30 9.76
N GLU A 153 11.96 7.29 10.46
CA GLU A 153 11.89 7.22 11.92
CA GLU A 153 11.88 7.25 11.91
C GLU A 153 12.69 8.38 12.52
N LYS A 154 13.60 8.96 11.73
CA LYS A 154 14.33 10.18 12.10
C LYS A 154 13.41 11.27 12.69
N ASP A 155 12.27 11.45 12.06
CA ASP A 155 11.27 12.37 12.54
C ASP A 155 10.17 11.52 13.17
N TYR A 156 10.48 11.07 14.41
CA TYR A 156 9.69 10.00 15.04
C TYR A 156 8.24 10.47 15.33
N GLN A 157 8.13 11.65 15.93
CA GLN A 157 6.86 12.19 16.30
C GLN A 157 6.07 12.56 15.03
N GLN A 158 6.76 13.05 14.01
CA GLN A 158 6.11 13.37 12.68
C GLN A 158 5.44 12.13 12.14
N LEU A 159 6.12 10.99 12.22
CA LEU A 159 5.57 9.74 11.78
C LEU A 159 4.32 9.36 12.58
N ALA A 160 4.35 9.53 13.90
CA ALA A 160 3.17 9.21 14.67
C ALA A 160 2.03 10.21 14.37
N LEU A 161 2.39 11.47 14.15
CA LEU A 161 1.41 12.48 13.82
C LEU A 161 0.68 12.17 12.46
N ILE A 162 1.44 11.73 11.49
CA ILE A 162 0.87 11.37 10.18
CA ILE A 162 0.88 11.38 10.18
C ILE A 162 0.01 10.12 10.29
N ARG A 163 0.44 9.14 11.07
CA ARG A 163 -0.42 7.97 11.35
C ARG A 163 -1.75 8.34 11.99
N LYS A 164 -1.71 9.31 12.91
CA LYS A 164 -2.91 9.76 13.62
C LYS A 164 -3.88 10.51 12.62
N MET A 165 -3.29 11.38 11.78
CA MET A 165 -4.02 12.12 10.76
C MET A 165 -4.70 11.11 9.82
N VAL A 166 -4.00 10.03 9.42
CA VAL A 166 -4.52 9.06 8.53
C VAL A 166 -5.73 8.26 9.14
N ALA A 167 -5.58 7.89 10.41
CA ALA A 167 -6.60 7.19 11.17
C ALA A 167 -7.84 8.07 11.38
N ASP A 168 -7.64 9.31 11.73
CA ASP A 168 -8.73 10.25 12.05
C ASP A 168 -9.46 10.73 10.80
N MET A 169 -8.72 10.94 9.70
CA MET A 169 -9.29 11.53 8.48
C MET A 169 -9.69 10.56 7.39
N GLY A 170 -9.65 9.24 7.68
CA GLY A 170 -10.17 8.33 6.69
C GLY A 170 -9.36 8.13 5.43
N TYR A 171 -8.04 8.36 5.53
CA TYR A 171 -7.16 8.09 4.38
C TYR A 171 -6.91 6.58 4.22
N ASP A 172 -7.07 6.10 2.99
CA ASP A 172 -6.85 4.66 2.73
C ASP A 172 -5.41 4.54 2.27
N ILE A 173 -4.47 4.80 3.15
CA ILE A 173 -3.03 4.89 2.82
C ILE A 173 -2.24 4.15 3.88
N ASN A 174 -1.37 3.26 3.43
CA ASN A 174 -0.50 2.56 4.37
C ASN A 174 0.70 3.44 4.68
N ILE A 175 0.95 3.71 5.96
CA ILE A 175 2.04 4.58 6.39
C ILE A 175 3.18 3.72 6.87
N VAL A 176 4.33 3.83 6.20
CA VAL A 176 5.47 2.99 6.46
C VAL A 176 6.64 3.81 7.01
N GLY A 177 7.21 3.31 8.12
CA GLY A 177 8.34 3.94 8.73
C GLY A 177 9.67 3.30 8.31
N VAL A 178 10.68 4.11 8.10
CA VAL A 178 11.99 3.63 7.62
C VAL A 178 13.08 4.04 8.65
N PRO A 179 13.91 3.10 9.07
CA PRO A 179 14.93 3.42 10.09
C PRO A 179 15.92 4.52 9.64
N THR A 180 16.42 5.24 10.64
CA THR A 180 17.31 6.36 10.43
C THR A 180 18.65 5.95 9.83
N VAL A 181 19.09 6.73 8.85
CA VAL A 181 20.40 6.46 8.18
C VAL A 181 21.39 7.48 8.73
N ARG A 182 22.59 6.98 9.01
CA ARG A 182 23.64 7.80 9.65
C ARG A 182 24.92 7.84 8.83
N ALA A 183 25.68 8.92 9.02
CA ALA A 183 27.09 8.96 8.59
C ALA A 183 27.88 7.83 9.26
N LYS A 184 29.06 7.52 8.70
CA LYS A 184 29.95 6.54 9.27
C LYS A 184 30.28 6.83 10.72
N ASP A 185 30.33 8.11 11.08
CA ASP A 185 30.62 8.48 12.45
C ASP A 185 29.40 8.56 13.38
N GLY A 186 28.24 8.11 12.90
CA GLY A 186 27.03 8.03 13.74
C GLY A 186 26.08 9.21 13.62
N LEU A 187 26.52 10.32 13.04
CA LEU A 187 25.65 11.46 12.89
C LEU A 187 24.42 11.13 11.98
N ALA A 188 23.21 11.39 12.45
CA ALA A 188 22.00 11.19 11.63
C ALA A 188 22.02 12.13 10.47
N LEU A 189 21.85 11.59 9.26
CA LEU A 189 21.89 12.45 8.10
C LEU A 189 20.72 13.43 8.09
N SER A 190 20.99 14.62 7.60
CA SER A 190 19.99 15.66 7.59
C SER A 190 20.43 16.80 6.71
N SER A 191 19.47 17.37 5.98
CA SER A 191 19.78 18.49 5.12
C SER A 191 20.33 19.64 5.97
N ARG A 192 19.91 19.75 7.23
CA ARG A 192 20.36 20.87 8.08
C ARG A 192 21.78 20.68 8.60
N ASN A 193 22.40 19.51 8.40
CA ASN A 193 23.81 19.32 8.76
C ASN A 193 24.69 20.30 8.00
N GLY A 194 24.27 20.72 6.81
CA GLY A 194 24.96 21.75 6.08
C GLY A 194 25.08 23.10 6.78
N TYR A 195 24.26 23.33 7.82
CA TYR A 195 24.31 24.56 8.61
C TYR A 195 25.54 24.64 9.56
N LEU A 196 26.18 23.47 9.75
CA LEU A 196 27.31 23.34 10.65
C LEU A 196 28.59 23.86 9.99
N THR A 197 29.45 24.51 10.78
CA THR A 197 30.81 24.73 10.35
C THR A 197 31.58 23.41 10.30
N GLU A 198 32.75 23.42 9.67
CA GLU A 198 33.61 22.24 9.58
CA GLU A 198 33.58 22.21 9.58
C GLU A 198 33.98 21.73 10.98
N GLU A 199 34.23 22.67 11.88
CA GLU A 199 34.55 22.46 13.30
CA GLU A 199 34.60 22.33 13.26
C GLU A 199 33.38 21.79 14.03
N GLU A 200 32.22 22.38 13.85
CA GLU A 200 31.00 21.86 14.49
C GLU A 200 30.64 20.48 13.97
N ARG A 201 30.94 20.18 12.70
CA ARG A 201 30.64 18.87 12.13
C ARG A 201 31.39 17.77 12.85
N GLN A 202 32.59 18.09 13.33
CA GLN A 202 33.33 17.13 14.13
C GLN A 202 32.80 16.92 15.55
N ILE A 203 32.08 17.90 16.09
CA ILE A 203 31.43 17.79 17.40
C ILE A 203 30.07 17.04 17.31
N ALA A 204 29.42 17.16 16.14
CA ALA A 204 28.04 16.73 15.98
C ALA A 204 27.77 15.26 16.32
N PRO A 205 28.70 14.36 16.03
CA PRO A 205 28.48 12.95 16.41
C PRO A 205 28.31 12.70 17.89
N GLN A 206 28.73 13.65 18.73
CA GLN A 206 28.61 13.50 20.18
C GLN A 206 27.15 13.36 20.59
N LEU A 207 26.23 13.90 19.79
CA LEU A 207 24.80 13.81 20.14
C LEU A 207 24.39 12.38 20.17
N SER A 208 24.68 11.66 19.09
CA SER A 208 24.41 10.23 19.07
C SER A 208 25.14 9.45 20.16
N LYS A 209 26.41 9.80 20.38
CA LYS A 209 27.18 9.14 21.46
C LYS A 209 26.51 9.28 22.80
N ILE A 210 26.09 10.50 23.13
CA ILE A 210 25.51 10.76 24.41
C ILE A 210 24.14 10.05 24.52
N MET A 211 23.35 10.08 23.43
CA MET A 211 22.06 9.40 23.38
C MET A 211 22.28 7.89 23.61
N TRP A 212 23.28 7.34 22.96
CA TRP A 212 23.52 5.91 23.06
C TRP A 212 24.06 5.47 24.42
N ALA A 213 24.84 6.36 25.06
CA ALA A 213 25.27 6.16 26.47
C ALA A 213 24.07 6.11 27.41
N LEU A 214 23.07 6.97 27.17
CA LEU A 214 21.86 6.96 27.93
C LEU A 214 21.13 5.62 27.70
N ALA A 215 20.99 5.23 26.43
CA ALA A 215 20.32 3.98 26.09
C ALA A 215 21.01 2.76 26.77
N GLU A 216 22.33 2.77 26.83
CA GLU A 216 23.05 1.67 27.47
CA GLU A 216 23.05 1.66 27.48
C GLU A 216 22.75 1.61 28.98
N LYS A 217 22.71 2.76 29.65
CA LYS A 217 22.32 2.79 31.06
C LYS A 217 20.91 2.20 31.26
N MET A 218 19.98 2.54 30.38
CA MET A 218 18.61 1.97 30.43
C MET A 218 18.62 0.47 30.16
N ALA A 219 19.51 0.03 29.29
CA ALA A 219 19.65 -1.40 29.02
C ALA A 219 20.14 -2.09 30.28
N LEU A 220 20.94 -1.42 31.10
CA LEU A 220 21.43 -2.00 32.37
C LEU A 220 20.37 -1.85 33.51
N GLY A 221 19.21 -1.28 33.20
CA GLY A 221 18.11 -1.18 34.17
C GLY A 221 17.82 0.20 34.75
N GLU A 222 18.58 1.22 34.37
CA GLU A 222 18.28 2.56 34.91
C GLU A 222 16.94 3.08 34.42
N ARG A 223 16.18 3.69 35.33
CA ARG A 223 14.83 4.16 35.00
C ARG A 223 14.50 5.54 35.55
N GLN A 224 15.50 6.18 36.16
CA GLN A 224 15.32 7.50 36.74
C GLN A 224 15.39 8.53 35.60
N ILE A 225 14.24 8.76 34.98
CA ILE A 225 14.20 9.49 33.71
C ILE A 225 14.75 10.92 33.80
N ASP A 226 14.33 11.70 34.78
CA ASP A 226 14.79 13.10 34.84
C ASP A 226 16.32 13.14 35.14
N ALA A 227 16.82 12.24 35.98
CA ALA A 227 18.27 12.19 36.23
C ALA A 227 19.06 11.75 34.99
N LEU A 228 18.56 10.76 34.27
CA LEU A 228 19.19 10.33 33.02
C LEU A 228 19.26 11.48 31.98
N LEU A 229 18.17 12.24 31.87
CA LEU A 229 18.12 13.32 30.90
C LEU A 229 18.93 14.54 31.33
N GLU A 230 18.92 14.82 32.62
CA GLU A 230 19.78 15.89 33.13
C GLU A 230 21.23 15.60 32.82
N GLU A 231 21.65 14.36 32.93
CA GLU A 231 23.05 14.02 32.68
C GLU A 231 23.38 14.16 31.20
N ALA A 232 22.46 13.72 30.34
CA ALA A 232 22.69 13.83 28.92
C ALA A 232 22.76 15.30 28.55
N ALA A 233 21.92 16.15 29.16
CA ALA A 233 21.98 17.58 28.86
C ALA A 233 23.33 18.16 29.31
N ALA A 234 23.77 17.77 30.49
CA ALA A 234 25.11 18.20 30.98
C ALA A 234 26.26 17.80 30.06
N GLN A 235 26.21 16.59 29.54
CA GLN A 235 27.22 16.16 28.61
C GLN A 235 27.19 16.92 27.26
N LEU A 236 25.98 17.23 26.78
CA LEU A 236 25.81 18.04 25.56
C LEU A 236 26.39 19.45 25.76
N LEU A 237 26.06 20.07 26.89
CA LEU A 237 26.61 21.36 27.23
C LEU A 237 28.16 21.30 27.26
N ARG A 238 28.69 20.24 27.88
CA ARG A 238 30.15 20.04 28.01
C ARG A 238 30.88 20.07 26.69
N VAL A 239 30.28 19.52 25.63
CA VAL A 239 30.99 19.48 24.35
C VAL A 239 30.62 20.62 23.40
N GLY A 240 29.74 21.52 23.81
CA GLY A 240 29.47 22.70 23.01
C GLY A 240 28.11 22.81 22.33
N PHE A 241 27.19 21.90 22.66
CA PHE A 241 25.79 22.02 22.27
C PHE A 241 25.02 22.90 23.25
N THR A 242 23.87 23.41 22.80
CA THR A 242 22.85 23.91 23.70
C THR A 242 21.62 23.00 23.57
N PRO A 243 21.44 22.12 24.53
CA PRO A 243 20.27 21.26 24.50
C PRO A 243 18.95 22.02 24.49
N ASP A 244 18.00 21.49 23.73
CA ASP A 244 16.61 21.87 23.86
C ASP A 244 16.05 20.85 24.84
N GLU A 245 14.71 20.80 24.91
CA GLU A 245 14.04 19.87 25.81
CA GLU A 245 14.05 19.87 25.81
C GLU A 245 14.26 18.47 25.30
N LEU A 246 14.66 17.59 26.20
CA LEU A 246 14.91 16.19 25.90
C LEU A 246 13.81 15.36 26.55
N PHE A 247 13.48 14.20 26.00
CA PHE A 247 12.42 13.34 26.52
C PHE A 247 12.72 11.86 26.43
N ILE A 248 12.11 11.12 27.34
CA ILE A 248 12.06 9.68 27.21
C ILE A 248 10.60 9.23 27.43
N ARG A 249 10.03 8.60 26.42
CA ARG A 249 8.59 8.33 26.41
C ARG A 249 8.30 6.89 25.96
N ASP A 250 7.07 6.44 26.20
CA ASP A 250 6.66 5.13 25.69
C ASP A 250 6.76 5.20 24.16
N ALA A 251 7.37 4.21 23.55
CA ALA A 251 7.64 4.23 22.09
C ALA A 251 6.39 4.18 21.23
N GLU A 252 5.34 3.55 21.74
CA GLU A 252 4.08 3.38 21.00
C GLU A 252 3.14 4.57 21.17
N THR A 253 3.07 5.11 22.38
CA THR A 253 2.09 6.15 22.63
C THR A 253 2.63 7.53 22.78
N LEU A 254 3.95 7.63 23.02
CA LEU A 254 4.63 8.91 23.32
C LEU A 254 4.22 9.58 24.63
N GLN A 255 3.53 8.84 25.49
CA GLN A 255 3.22 9.33 26.83
C GLN A 255 4.33 8.94 27.77
N PRO A 256 4.31 9.50 29.00
CA PRO A 256 5.30 9.07 29.95
C PRO A 256 5.30 7.55 30.18
N LEU A 257 6.46 7.00 30.47
CA LEU A 257 6.58 5.58 30.71
C LEU A 257 5.73 5.17 31.90
N THR A 258 5.20 3.95 31.82
CA THR A 258 4.42 3.35 32.90
C THR A 258 4.88 1.90 33.06
N VAL A 259 4.33 1.21 34.08
CA VAL A 259 4.64 -0.18 34.35
C VAL A 259 4.36 -1.05 33.12
N ASP A 260 3.36 -0.67 32.29
CA ASP A 260 2.98 -1.40 31.06
C ASP A 260 3.89 -1.20 29.85
N SER A 261 4.74 -0.17 29.91
CA SER A 261 5.60 0.16 28.77
C SER A 261 6.60 -0.98 28.56
N GLN A 262 6.75 -1.39 27.31
CA GLN A 262 7.73 -2.41 26.86
C GLN A 262 8.86 -1.87 26.02
N GLN A 263 8.65 -0.69 25.44
CA GLN A 263 9.71 -0.06 24.67
C GLN A 263 9.65 1.44 24.91
N ALA A 264 10.81 2.04 25.10
CA ALA A 264 10.96 3.50 25.25
C ALA A 264 11.57 4.08 24.01
N VAL A 265 11.31 5.35 23.78
CA VAL A 265 12.01 6.08 22.80
C VAL A 265 12.67 7.30 23.50
N ILE A 266 13.98 7.44 23.30
CA ILE A 266 14.73 8.63 23.72
C ILE A 266 14.63 9.61 22.59
N LEU A 267 14.15 10.83 22.88
CA LEU A 267 13.98 11.90 21.92
C LEU A 267 14.91 13.05 22.27
N MET A 268 15.91 13.28 21.42
CA MET A 268 16.93 14.28 21.63
C MET A 268 16.78 15.45 20.68
N ALA A 269 17.11 16.64 21.17
CA ALA A 269 17.19 17.85 20.35
C ALA A 269 18.22 18.78 20.97
N ALA A 270 19.08 19.36 20.13
CA ALA A 270 20.12 20.23 20.63
C ALA A 270 20.67 21.10 19.50
N TRP A 271 20.90 22.36 19.83
CA TRP A 271 21.53 23.28 18.93
C TRP A 271 23.04 23.13 18.93
N LEU A 272 23.61 23.21 17.73
CA LEU A 272 25.04 23.31 17.55
C LEU A 272 25.25 24.37 16.50
N GLY A 273 25.82 25.48 16.91
CA GLY A 273 25.86 26.68 16.07
C GLY A 273 24.46 26.96 15.54
N LYS A 274 24.33 27.04 14.22
CA LYS A 274 23.07 27.42 13.58
C LYS A 274 22.09 26.26 13.41
N ALA A 275 22.57 25.03 13.63
CA ALA A 275 21.79 23.83 13.37
C ALA A 275 21.06 23.32 14.66
N ARG A 276 19.75 23.10 14.56
CA ARG A 276 19.02 22.39 15.59
C ARG A 276 18.95 20.95 15.14
N LEU A 277 19.79 20.11 15.73
CA LEU A 277 19.87 18.70 15.37
C LEU A 277 18.90 17.91 16.25
N ILE A 278 18.31 16.84 15.71
CA ILE A 278 17.52 15.94 16.52
C ILE A 278 17.97 14.52 16.22
N ASP A 279 17.71 13.64 17.18
CA ASP A 279 17.96 12.22 17.00
C ASP A 279 17.09 11.46 17.98
N ASN A 280 17.02 10.12 17.84
CA ASN A 280 16.21 9.34 18.74
C ASN A 280 16.73 7.93 18.74
N GLN A 281 16.29 7.16 19.71
CA GLN A 281 16.71 5.79 19.86
C GLN A 281 15.64 5.03 20.64
N LEU A 282 15.26 3.89 20.09
CA LEU A 282 14.39 2.97 20.76
C LEU A 282 15.18 2.12 21.75
N VAL A 283 14.56 1.89 22.90
CA VAL A 283 15.14 1.14 23.96
C VAL A 283 14.16 0.09 24.41
N ASP A 284 14.59 -1.14 24.23
CA ASP A 284 13.85 -2.31 24.65
CA ASP A 284 13.82 -2.29 24.66
C ASP A 284 13.92 -2.40 26.16
N LEU A 285 12.77 -2.31 26.83
CA LEU A 285 12.71 -2.32 28.27
C LEU A 285 12.56 -3.73 28.81
N ARG A 286 12.45 -4.71 27.92
CA ARG A 286 12.14 -6.07 28.33
C ARG A 286 13.38 -6.81 28.72
N HIS A 287 13.24 -7.52 29.83
CA HIS A 287 14.31 -8.32 30.38
CA HIS A 287 14.30 -8.36 30.35
C HIS A 287 13.64 -9.45 31.18
N ALA B 3 -8.27 -12.80 16.15
CA ALA B 3 -7.76 -14.05 16.79
C ALA B 3 -7.17 -14.95 15.68
N MET B 4 -6.02 -15.53 15.98
CA MET B 4 -5.22 -16.24 14.98
C MET B 4 -5.81 -17.61 14.71
N LEU B 5 -5.89 -18.00 13.44
CA LEU B 5 -6.42 -19.31 13.04
C LEU B 5 -5.25 -20.28 12.87
N ILE B 6 -5.54 -21.55 13.14
CA ILE B 6 -4.58 -22.65 12.86
C ILE B 6 -5.30 -23.61 11.94
N ILE B 7 -4.66 -23.95 10.83
CA ILE B 7 -5.27 -24.88 9.84
C ILE B 7 -4.25 -25.90 9.47
N GLU B 8 -4.68 -27.15 9.44
CA GLU B 8 -3.81 -28.23 9.04
C GLU B 8 -4.10 -28.77 7.66
N THR B 9 -5.36 -28.72 7.24
CA THR B 9 -5.73 -29.52 6.07
C THR B 9 -5.80 -28.61 4.85
N LEU B 10 -5.53 -29.20 3.69
CA LEU B 10 -5.51 -28.44 2.44
C LEU B 10 -6.88 -27.89 2.08
N PRO B 11 -7.94 -28.68 2.18
CA PRO B 11 -9.25 -28.14 1.84
C PRO B 11 -9.72 -26.99 2.74
N LEU B 12 -9.40 -27.07 4.04
CA LEU B 12 -9.72 -26.02 5.00
C LEU B 12 -8.89 -24.75 4.71
N LEU B 13 -7.62 -24.94 4.34
CA LEU B 13 -6.82 -23.79 3.94
C LEU B 13 -7.47 -23.08 2.75
N ARG B 14 -7.84 -23.83 1.72
CA ARG B 14 -8.46 -23.16 0.53
C ARG B 14 -9.76 -22.45 0.85
N GLN B 15 -10.57 -23.00 1.75
CA GLN B 15 -11.79 -22.29 2.14
C GLN B 15 -11.48 -20.91 2.69
N GLN B 16 -10.46 -20.85 3.55
CA GLN B 16 -10.14 -19.58 4.20
C GLN B 16 -9.49 -18.59 3.22
N ILE B 17 -8.61 -19.10 2.36
CA ILE B 17 -7.99 -18.24 1.30
C ILE B 17 -9.06 -17.63 0.39
N ARG B 18 -10.00 -18.44 -0.06
CA ARG B 18 -11.11 -17.92 -0.84
C ARG B 18 -11.94 -16.85 -0.12
N ARG B 19 -12.19 -17.05 1.18
CA ARG B 19 -13.00 -16.11 1.97
C ARG B 19 -12.28 -14.76 2.09
N TRP B 20 -10.99 -14.81 2.38
CA TRP B 20 -10.19 -13.57 2.42
C TRP B 20 -10.14 -12.84 1.08
N ARG B 21 -10.06 -13.59 -0.01
CA ARG B 21 -10.12 -12.97 -1.33
C ARG B 21 -11.49 -12.34 -1.60
N GLN B 22 -12.57 -12.97 -1.13
CA GLN B 22 -13.91 -12.39 -1.23
CA GLN B 22 -13.91 -12.39 -1.22
C GLN B 22 -14.06 -11.14 -0.36
N GLU B 23 -13.29 -11.08 0.71
CA GLU B 23 -13.28 -9.92 1.57
C GLU B 23 -12.38 -8.83 0.97
N GLY B 24 -11.73 -9.11 -0.16
CA GLY B 24 -10.83 -8.14 -0.81
C GLY B 24 -9.50 -7.90 -0.06
N LYS B 25 -9.01 -8.93 0.62
CA LYS B 25 -7.81 -8.79 1.45
C LYS B 25 -6.56 -8.98 0.60
N ARG B 26 -5.52 -8.20 0.88
CA ARG B 26 -4.16 -8.47 0.37
C ARG B 26 -3.53 -9.47 1.33
N ILE B 27 -2.86 -10.46 0.79
CA ILE B 27 -2.31 -11.57 1.60
C ILE B 27 -0.79 -11.61 1.51
N ALA B 28 -0.16 -11.68 2.69
CA ALA B 28 1.27 -11.96 2.76
C ALA B 28 1.55 -13.38 3.26
N LEU B 29 2.59 -13.99 2.71
CA LEU B 29 3.02 -15.31 3.11
C LEU B 29 4.41 -15.31 3.74
N VAL B 30 4.57 -16.01 4.87
CA VAL B 30 5.90 -16.24 5.45
C VAL B 30 6.21 -17.71 5.64
N PRO B 31 6.96 -18.34 4.74
CA PRO B 31 7.20 -19.76 4.93
C PRO B 31 8.28 -20.08 5.95
N THR B 32 8.04 -21.08 6.82
CA THR B 32 9.02 -21.53 7.81
C THR B 32 8.97 -23.03 8.00
N MET B 33 10.01 -23.55 8.61
CA MET B 33 9.99 -24.93 9.02
C MET B 33 9.84 -25.05 10.54
N GLY B 34 9.27 -24.05 11.18
CA GLY B 34 8.96 -24.14 12.63
C GLY B 34 10.15 -23.90 13.54
N ASN B 35 9.96 -24.19 14.83
CA ASN B 35 10.90 -23.88 15.88
C ASN B 35 11.31 -22.44 15.78
N LEU B 36 10.34 -21.58 15.94
CA LEU B 36 10.50 -20.19 15.57
C LEU B 36 11.22 -19.39 16.63
N HIS B 37 12.04 -18.46 16.16
CA HIS B 37 12.83 -17.55 17.00
C HIS B 37 12.57 -16.10 16.58
N GLU B 38 13.31 -15.16 17.17
CA GLU B 38 13.07 -13.74 16.93
CA GLU B 38 13.08 -13.73 16.94
C GLU B 38 13.29 -13.34 15.47
N GLY B 39 14.12 -14.07 14.75
CA GLY B 39 14.30 -13.77 13.32
C GLY B 39 13.00 -13.97 12.56
N HIS B 40 12.33 -15.09 12.85
CA HIS B 40 11.04 -15.40 12.23
C HIS B 40 10.01 -14.34 12.60
N MET B 41 10.00 -13.93 13.88
CA MET B 41 9.07 -12.92 14.28
C MET B 41 9.25 -11.59 13.49
N THR B 42 10.48 -11.22 13.15
CA THR B 42 10.70 -9.98 12.38
CA THR B 42 10.73 -9.99 12.35
C THR B 42 10.16 -10.14 10.94
N LEU B 43 10.18 -11.35 10.39
CA LEU B 43 9.55 -11.57 9.08
C LEU B 43 8.07 -11.34 9.14
N VAL B 44 7.44 -11.80 10.24
CA VAL B 44 6.01 -11.67 10.40
C VAL B 44 5.66 -10.19 10.50
N ASP B 45 6.45 -9.46 11.30
CA ASP B 45 6.25 -8.05 11.52
C ASP B 45 6.32 -7.28 10.20
N GLU B 46 7.37 -7.55 9.44
CA GLU B 46 7.51 -6.98 8.07
C GLU B 46 6.32 -7.30 7.18
N ALA B 47 5.89 -8.58 7.20
CA ALA B 47 4.72 -9.01 6.44
C ALA B 47 3.46 -8.24 6.78
N LYS B 48 3.24 -7.99 8.06
CA LYS B 48 2.09 -7.23 8.50
C LYS B 48 2.07 -5.78 7.96
N THR B 49 3.22 -5.24 7.65
CA THR B 49 3.31 -3.91 6.98
C THR B 49 2.92 -3.93 5.49
N ARG B 50 2.76 -5.12 4.92
CA ARG B 50 2.67 -5.23 3.46
C ARG B 50 1.37 -5.80 2.96
N ALA B 51 0.48 -6.15 3.86
CA ALA B 51 -0.73 -6.81 3.47
C ALA B 51 -1.75 -6.71 4.57
N ASP B 52 -2.96 -7.12 4.25
CA ASP B 52 -4.04 -7.17 5.24
C ASP B 52 -3.98 -8.34 6.19
N VAL B 53 -3.58 -9.51 5.68
CA VAL B 53 -3.54 -10.72 6.49
C VAL B 53 -2.20 -11.36 6.23
N VAL B 54 -1.62 -11.97 7.26
CA VAL B 54 -0.36 -12.69 7.16
C VAL B 54 -0.63 -14.15 7.42
N VAL B 55 -0.21 -14.96 6.47
CA VAL B 55 -0.21 -16.44 6.66
C VAL B 55 1.20 -16.90 6.92
N VAL B 56 1.44 -17.61 8.03
CA VAL B 56 2.72 -18.20 8.32
C VAL B 56 2.59 -19.70 8.14
N THR B 57 3.48 -20.32 7.38
CA THR B 57 3.42 -21.76 7.22
C THR B 57 4.50 -22.37 8.13
N ILE B 58 4.21 -23.53 8.70
CA ILE B 58 5.16 -24.27 9.49
C ILE B 58 5.14 -25.68 8.94
N PHE B 59 6.22 -26.07 8.26
CA PHE B 59 6.36 -27.39 7.65
C PHE B 59 7.80 -27.78 7.51
N VAL B 60 8.20 -28.83 8.24
CA VAL B 60 9.54 -29.32 8.08
C VAL B 60 9.48 -30.15 6.80
N ASN B 61 10.11 -29.65 5.73
CA ASN B 61 9.91 -30.18 4.37
C ASN B 61 10.91 -31.31 4.07
N PRO B 62 10.48 -32.60 4.04
CA PRO B 62 11.54 -33.62 3.83
C PRO B 62 12.34 -33.50 2.53
N LEU B 63 11.72 -32.91 1.51
CA LEU B 63 12.35 -32.81 0.20
C LEU B 63 13.60 -31.90 0.18
N GLN B 64 13.79 -31.04 1.18
CA GLN B 64 14.93 -30.15 1.15
C GLN B 64 16.04 -30.51 2.09
N PHE B 65 15.90 -31.67 2.74
CA PHE B 65 16.92 -32.24 3.59
C PHE B 65 17.66 -33.30 2.80
N GLU B 66 18.90 -32.99 2.45
CA GLU B 66 19.74 -33.91 1.71
C GLU B 66 20.37 -34.93 2.69
N ARG B 67 20.34 -34.63 4.00
CA ARG B 67 20.86 -35.55 5.05
C ARG B 67 19.74 -36.01 5.98
N PRO B 68 19.35 -37.29 5.92
CA PRO B 68 18.24 -37.80 6.77
C PRO B 68 18.44 -37.58 8.28
N ASP B 69 19.68 -37.37 8.70
CA ASP B 69 20.04 -37.22 10.11
C ASP B 69 19.68 -35.82 10.58
N ASP B 70 20.06 -34.86 9.77
CA ASP B 70 19.65 -33.48 9.95
C ASP B 70 18.12 -33.45 10.14
N LEU B 71 17.37 -34.09 9.23
CA LEU B 71 15.87 -34.13 9.30
C LEU B 71 15.32 -34.80 10.58
N ALA B 72 15.99 -35.85 11.02
CA ALA B 72 15.55 -36.58 12.21
C ALA B 72 15.57 -35.68 13.45
N HIS B 73 16.63 -34.89 13.58
CA HIS B 73 16.83 -34.09 14.79
C HIS B 73 16.26 -32.68 14.71
N TYR B 74 15.74 -32.29 13.54
CA TYR B 74 15.21 -30.95 13.37
C TYR B 74 14.17 -30.69 14.46
N PRO B 75 14.32 -29.59 15.21
CA PRO B 75 13.36 -29.36 16.30
C PRO B 75 11.89 -29.18 15.83
N ARG B 76 10.97 -29.81 16.57
CA ARG B 76 9.51 -29.64 16.44
C ARG B 76 8.92 -29.06 17.72
N THR B 77 8.37 -27.85 17.65
CA THR B 77 7.84 -27.17 18.83
C THR B 77 6.60 -26.37 18.43
N LEU B 78 5.60 -27.05 17.89
CA LEU B 78 4.50 -26.35 17.26
C LEU B 78 3.71 -25.47 18.22
N GLN B 79 3.50 -25.92 19.45
CA GLN B 79 2.72 -25.13 20.41
CA GLN B 79 2.72 -25.15 20.41
C GLN B 79 3.40 -23.85 20.72
N GLU B 80 4.69 -23.95 21.02
CA GLU B 80 5.56 -22.82 21.28
C GLU B 80 5.51 -21.88 20.13
N ASP B 81 5.67 -22.41 18.91
CA ASP B 81 5.61 -21.61 17.68
C ASP B 81 4.28 -20.78 17.58
N CYS B 82 3.14 -21.45 17.74
CA CYS B 82 1.84 -20.77 17.65
C CYS B 82 1.67 -19.72 18.72
N GLU B 83 2.15 -19.95 19.94
CA GLU B 83 1.93 -18.90 20.95
CA GLU B 83 2.08 -18.94 21.03
C GLU B 83 2.79 -17.66 20.62
N LYS B 84 4.00 -17.85 20.12
CA LYS B 84 4.83 -16.71 19.67
C LYS B 84 4.16 -15.92 18.56
N LEU B 85 3.61 -16.65 17.58
CA LEU B 85 2.94 -16.04 16.45
C LEU B 85 1.69 -15.25 16.84
N THR B 86 0.92 -15.72 17.85
CA THR B 86 -0.26 -14.99 18.27
C THR B 86 0.15 -13.61 18.75
N ARG B 87 1.28 -13.51 19.45
CA ARG B 87 1.76 -12.22 19.94
C ARG B 87 2.20 -11.28 18.87
N HIS B 88 2.65 -11.80 17.74
CA HIS B 88 3.05 -10.94 16.63
C HIS B 88 1.96 -10.71 15.59
N GLY B 89 0.75 -11.17 15.91
CA GLY B 89 -0.46 -10.88 15.13
C GLY B 89 -0.59 -11.60 13.79
N ALA B 90 0.11 -12.73 13.63
CA ALA B 90 -0.10 -13.55 12.46
C ALA B 90 -1.58 -13.86 12.43
N ASP B 91 -2.15 -13.91 11.25
CA ASP B 91 -3.56 -14.18 11.09
C ASP B 91 -3.92 -15.67 10.95
N LEU B 92 -3.01 -16.41 10.38
CA LEU B 92 -3.23 -17.84 10.16
C LEU B 92 -1.91 -18.55 10.18
N VAL B 93 -1.88 -19.72 10.81
CA VAL B 93 -0.72 -20.61 10.75
C VAL B 93 -1.24 -21.80 10.03
N PHE B 94 -0.55 -22.19 8.95
CA PHE B 94 -0.88 -23.40 8.20
C PHE B 94 0.20 -24.43 8.54
N ALA B 95 -0.18 -25.50 9.19
CA ALA B 95 0.79 -26.47 9.69
C ALA B 95 0.37 -27.86 9.24
N PRO B 96 0.74 -28.23 7.99
CA PRO B 96 0.25 -29.45 7.38
C PRO B 96 1.08 -30.64 7.74
N ALA B 97 0.44 -31.80 7.75
CA ALA B 97 1.19 -33.10 7.87
C ALA B 97 1.87 -33.39 6.57
N ALA B 98 3.01 -34.09 6.63
CA ALA B 98 3.72 -34.52 5.44
C ALA B 98 2.85 -35.38 4.53
N ALA B 99 1.96 -36.18 5.15
CA ALA B 99 1.13 -37.14 4.39
C ALA B 99 0.18 -36.42 3.40
N ASP B 100 -0.26 -35.23 3.78
CA ASP B 100 -1.14 -34.38 2.96
C ASP B 100 -0.37 -33.54 1.88
N ILE B 101 0.81 -33.03 2.21
CA ILE B 101 1.65 -32.31 1.24
C ILE B 101 2.27 -33.22 0.19
N TYR B 102 2.65 -34.44 0.61
CA TYR B 102 3.25 -35.42 -0.28
C TYR B 102 2.60 -36.81 -0.12
N PRO B 103 1.33 -36.95 -0.54
CA PRO B 103 0.61 -38.23 -0.43
C PRO B 103 1.10 -39.36 -1.35
N ALA B 104 1.85 -39.05 -2.40
CA ALA B 104 2.45 -40.09 -3.26
C ALA B 104 3.87 -40.47 -2.78
N GLY B 105 4.25 -39.96 -1.60
CA GLY B 105 5.64 -39.92 -1.15
C GLY B 105 6.52 -38.97 -1.94
N LEU B 106 7.82 -39.05 -1.70
CA LEU B 106 8.77 -38.10 -2.27
C LEU B 106 9.26 -38.52 -3.65
N GLU B 107 9.33 -39.84 -3.86
CA GLU B 107 9.93 -40.43 -5.06
CA GLU B 107 9.96 -40.36 -5.06
C GLU B 107 9.22 -39.94 -6.33
N LYS B 108 7.89 -40.00 -6.31
CA LYS B 108 7.13 -39.71 -7.52
C LYS B 108 6.55 -38.29 -7.51
N GLN B 109 6.84 -37.51 -6.46
CA GLN B 109 6.38 -36.09 -6.36
C GLN B 109 6.90 -35.18 -7.48
N THR B 110 5.97 -34.47 -8.10
CA THR B 110 6.24 -33.43 -9.09
C THR B 110 7.20 -32.44 -8.45
N TYR B 111 8.24 -32.04 -9.16
CA TYR B 111 9.16 -31.07 -8.59
C TYR B 111 9.44 -29.93 -9.48
N VAL B 112 9.95 -28.86 -8.85
CA VAL B 112 10.39 -27.65 -9.52
C VAL B 112 11.89 -27.43 -9.24
N ASP B 113 12.66 -27.25 -10.30
CA ASP B 113 14.05 -26.84 -10.12
CA ASP B 113 14.08 -26.97 -10.26
C ASP B 113 14.37 -25.59 -10.90
N VAL B 114 15.29 -24.84 -10.29
CA VAL B 114 15.72 -23.53 -10.78
C VAL B 114 17.19 -23.73 -11.18
N PRO B 115 17.42 -24.17 -12.42
CA PRO B 115 18.81 -24.59 -12.82
C PRO B 115 19.82 -23.47 -12.81
N ALA B 116 19.35 -22.23 -12.76
CA ALA B 116 20.26 -21.10 -12.78
C ALA B 116 21.15 -20.96 -11.51
N LEU B 117 20.65 -21.47 -10.39
CA LEU B 117 21.17 -21.16 -9.05
C LEU B 117 21.18 -22.36 -8.08
N SER B 118 20.59 -23.47 -8.49
CA SER B 118 20.41 -24.56 -7.55
C SER B 118 21.66 -25.44 -7.40
N THR B 119 22.64 -25.31 -8.29
CA THR B 119 23.80 -26.23 -8.27
C THR B 119 25.10 -25.51 -8.00
N ILE B 120 25.06 -24.21 -7.74
CA ILE B 120 26.29 -23.50 -7.46
C ILE B 120 26.28 -23.11 -5.99
N LEU B 121 27.45 -22.69 -5.48
CA LEU B 121 27.61 -22.18 -4.10
C LEU B 121 26.99 -23.10 -3.05
N GLU B 122 25.97 -22.62 -2.33
CA GLU B 122 25.32 -23.43 -1.30
C GLU B 122 24.68 -24.67 -1.92
N GLY B 123 24.32 -24.57 -3.20
CA GLY B 123 23.69 -25.64 -3.95
C GLY B 123 24.64 -26.75 -4.31
N ALA B 124 25.92 -26.41 -4.45
CA ALA B 124 27.00 -27.38 -4.61
C ALA B 124 27.31 -28.10 -3.30
N SER B 125 27.39 -27.33 -2.22
CA SER B 125 27.61 -27.89 -0.89
C SER B 125 26.43 -28.75 -0.38
N ARG B 126 25.20 -28.41 -0.79
CA ARG B 126 23.98 -29.16 -0.42
C ARG B 126 23.22 -29.66 -1.63
N PRO B 127 23.71 -30.72 -2.28
CA PRO B 127 23.01 -31.24 -3.47
C PRO B 127 21.63 -31.74 -3.17
N GLY B 128 20.66 -31.39 -4.03
CA GLY B 128 19.24 -31.75 -3.85
C GLY B 128 18.43 -30.83 -2.93
N HIS B 129 19.11 -30.01 -2.14
CA HIS B 129 18.42 -29.16 -1.15
C HIS B 129 17.52 -28.16 -1.86
N PHE B 130 18.04 -27.48 -2.87
CA PHE B 130 17.31 -26.36 -3.46
C PHE B 130 16.09 -26.81 -4.26
N ARG B 131 16.15 -27.97 -4.89
CA ARG B 131 14.94 -28.55 -5.45
C ARG B 131 13.79 -28.68 -4.43
N GLY B 132 14.12 -29.10 -3.20
CA GLY B 132 13.10 -29.23 -2.20
C GLY B 132 12.47 -27.89 -1.93
N VAL B 133 13.32 -26.86 -1.88
CA VAL B 133 12.88 -25.46 -1.60
C VAL B 133 11.97 -24.87 -2.68
N SER B 134 12.41 -24.89 -3.91
CA SER B 134 11.55 -24.47 -4.99
C SER B 134 10.27 -25.29 -5.13
N THR B 135 10.33 -26.59 -4.88
CA THR B 135 9.11 -27.36 -4.95
C THR B 135 8.06 -26.94 -3.89
N ILE B 136 8.46 -26.83 -2.62
CA ILE B 136 7.53 -26.61 -1.56
C ILE B 136 7.04 -25.15 -1.69
N VAL B 137 7.90 -24.26 -2.13
CA VAL B 137 7.53 -22.82 -2.18
C VAL B 137 6.53 -22.60 -3.30
N SER B 138 6.77 -23.25 -4.46
CA SER B 138 5.81 -23.24 -5.53
CA SER B 138 5.80 -23.28 -5.56
C SER B 138 4.48 -23.79 -5.07
N LYS B 139 4.48 -24.96 -4.40
CA LYS B 139 3.24 -25.50 -3.90
C LYS B 139 2.54 -24.54 -2.93
N LEU B 140 3.26 -23.92 -2.01
CA LEU B 140 2.61 -22.94 -1.11
C LEU B 140 2.09 -21.73 -1.89
N PHE B 141 2.85 -21.27 -2.89
CA PHE B 141 2.36 -20.19 -3.74
C PHE B 141 1.07 -20.56 -4.43
N ASN B 142 0.99 -21.78 -4.95
CA ASN B 142 -0.20 -22.24 -5.61
C ASN B 142 -1.37 -22.40 -4.66
N LEU B 143 -1.14 -22.86 -3.44
CA LEU B 143 -2.21 -23.07 -2.47
C LEU B 143 -2.73 -21.75 -1.94
N ILE B 144 -1.84 -20.81 -1.72
CA ILE B 144 -2.19 -19.57 -1.00
C ILE B 144 -2.39 -18.37 -1.91
N GLN B 145 -1.72 -18.37 -3.06
CA GLN B 145 -1.76 -17.22 -3.97
C GLN B 145 -1.56 -15.86 -3.28
N PRO B 146 -0.47 -15.71 -2.55
CA PRO B 146 -0.21 -14.48 -1.84
C PRO B 146 0.14 -13.32 -2.78
N ASP B 147 -0.05 -12.08 -2.33
CA ASP B 147 0.40 -10.93 -3.09
C ASP B 147 1.88 -10.69 -2.84
N VAL B 148 2.34 -11.08 -1.65
CA VAL B 148 3.72 -10.88 -1.28
CA VAL B 148 3.67 -10.77 -1.12
C VAL B 148 4.18 -12.01 -0.36
N ALA B 149 5.46 -12.34 -0.47
CA ALA B 149 6.05 -13.41 0.36
C ALA B 149 7.39 -12.89 0.90
N CYS B 150 7.61 -13.07 2.20
CA CYS B 150 8.81 -12.58 2.86
C CYS B 150 9.75 -13.75 3.25
N PHE B 151 11.03 -13.55 3.00
CA PHE B 151 12.13 -14.46 3.31
C PHE B 151 13.30 -13.67 3.94
N GLY B 152 14.15 -14.38 4.67
CA GLY B 152 15.27 -13.75 5.37
C GLY B 152 16.49 -13.73 4.48
N GLU B 153 17.29 -12.69 4.67
CA GLU B 153 18.57 -12.54 4.00
CA GLU B 153 18.59 -12.53 4.01
C GLU B 153 19.58 -13.56 4.54
N LYS B 154 19.31 -14.12 5.72
CA LYS B 154 20.11 -15.23 6.31
C LYS B 154 20.33 -16.34 5.27
N ASP B 155 19.27 -16.66 4.53
CA ASP B 155 19.38 -17.60 3.43
C ASP B 155 19.43 -16.83 2.12
N TYR B 156 20.60 -16.27 1.85
CA TYR B 156 20.75 -15.25 0.82
C TYR B 156 20.49 -15.80 -0.59
N GLN B 157 21.04 -16.98 -0.84
CA GLN B 157 20.93 -17.63 -2.15
C GLN B 157 19.53 -18.17 -2.37
N GLN B 158 18.93 -18.70 -1.30
CA GLN B 158 17.51 -19.05 -1.34
C GLN B 158 16.66 -17.90 -1.83
N LEU B 159 16.89 -16.68 -1.32
CA LEU B 159 16.12 -15.53 -1.72
C LEU B 159 16.27 -15.30 -3.23
N ALA B 160 17.51 -15.32 -3.71
CA ALA B 160 17.79 -15.18 -5.14
C ALA B 160 17.12 -16.29 -5.99
N LEU B 161 17.17 -17.52 -5.49
CA LEU B 161 16.60 -18.67 -6.19
C LEU B 161 15.05 -18.53 -6.29
N ILE B 162 14.43 -18.02 -5.24
CA ILE B 162 12.96 -17.88 -5.23
CA ILE B 162 12.97 -17.90 -5.23
C ILE B 162 12.59 -16.75 -6.17
N ARG B 163 13.39 -15.69 -6.18
CA ARG B 163 13.14 -14.61 -7.10
C ARG B 163 13.26 -15.03 -8.56
N LYS B 164 14.23 -15.88 -8.87
CA LYS B 164 14.34 -16.39 -10.20
C LYS B 164 13.13 -17.27 -10.56
N MET B 165 12.73 -18.14 -9.65
CA MET B 165 11.59 -19.05 -9.92
C MET B 165 10.35 -18.21 -10.26
N VAL B 166 10.12 -17.18 -9.47
CA VAL B 166 8.98 -16.27 -9.67
C VAL B 166 9.00 -15.57 -11.04
N ALA B 167 10.15 -15.04 -11.40
CA ALA B 167 10.31 -14.42 -12.69
C ALA B 167 10.11 -15.43 -13.81
N ASP B 168 10.72 -16.62 -13.68
CA ASP B 168 10.63 -17.62 -14.73
C ASP B 168 9.28 -18.24 -14.89
N MET B 169 8.58 -18.48 -13.77
CA MET B 169 7.32 -19.25 -13.80
C MET B 169 6.03 -18.42 -13.82
N GLY B 170 6.15 -17.10 -13.97
CA GLY B 170 4.97 -16.27 -14.13
C GLY B 170 4.13 -16.04 -12.86
N TYR B 171 4.73 -16.16 -11.67
CA TYR B 171 4.04 -15.81 -10.41
C TYR B 171 3.93 -14.29 -10.23
N ASP B 172 2.72 -13.85 -9.91
CA ASP B 172 2.44 -12.40 -9.69
C ASP B 172 2.59 -12.18 -8.17
N ILE B 173 3.80 -12.29 -7.65
CA ILE B 173 4.07 -12.28 -6.21
C ILE B 173 5.31 -11.45 -5.97
N ASN B 174 5.19 -10.47 -5.04
CA ASN B 174 6.31 -9.65 -4.63
C ASN B 174 7.17 -10.39 -3.63
N ILE B 175 8.46 -10.54 -3.87
CA ILE B 175 9.34 -11.27 -2.97
C ILE B 175 10.15 -10.24 -2.19
N VAL B 176 10.04 -10.32 -0.86
CA VAL B 176 10.64 -9.34 0.02
C VAL B 176 11.68 -10.03 0.88
N GLY B 177 12.85 -9.40 0.99
CA GLY B 177 13.94 -9.93 1.80
C GLY B 177 14.01 -9.13 3.09
N VAL B 178 14.26 -9.81 4.20
CA VAL B 178 14.31 -9.18 5.51
C VAL B 178 15.68 -9.40 6.13
N PRO B 179 16.33 -8.35 6.67
CA PRO B 179 17.71 -8.57 7.17
C PRO B 179 17.80 -9.54 8.35
N THR B 180 18.96 -10.18 8.47
CA THR B 180 19.24 -11.21 9.45
C THR B 180 19.19 -10.68 10.88
N VAL B 181 18.55 -11.41 11.76
CA VAL B 181 18.48 -11.06 13.18
C VAL B 181 19.50 -11.93 13.89
N ARG B 182 20.24 -11.29 14.81
CA ARG B 182 21.33 -11.92 15.53
C ARG B 182 21.09 -11.88 17.04
N ALA B 183 21.71 -12.82 17.75
CA ALA B 183 21.78 -12.75 19.21
C ALA B 183 22.67 -11.55 19.62
N LYS B 184 22.68 -11.22 20.91
CA LYS B 184 23.47 -10.08 21.37
C LYS B 184 24.94 -10.24 21.05
N ASP B 185 25.47 -11.46 21.13
CA ASP B 185 26.88 -11.73 20.84
C ASP B 185 27.20 -11.90 19.34
N GLY B 186 26.22 -11.65 18.48
CA GLY B 186 26.43 -11.63 17.01
C GLY B 186 25.97 -12.89 16.28
N LEU B 187 25.79 -13.99 16.99
CA LEU B 187 25.43 -15.27 16.33
C LEU B 187 24.10 -15.08 15.59
N ALA B 188 24.08 -15.39 14.29
CA ALA B 188 22.85 -15.29 13.49
C ALA B 188 21.86 -16.31 14.03
N LEU B 189 20.65 -15.87 14.32
CA LEU B 189 19.66 -16.75 14.92
C LEU B 189 19.30 -17.86 13.96
N SER B 190 19.15 -19.07 14.50
CA SER B 190 18.82 -20.21 13.69
C SER B 190 18.29 -21.32 14.57
N SER B 191 17.30 -22.03 14.05
CA SER B 191 16.79 -23.21 14.72
C SER B 191 17.90 -24.26 14.91
N ARG B 192 18.84 -24.32 13.98
CA ARG B 192 19.97 -25.24 14.12
C ARG B 192 20.99 -24.87 15.20
N ASN B 193 20.87 -23.70 15.81
CA ASN B 193 21.70 -23.40 16.97
C ASN B 193 21.43 -24.32 18.13
N GLY B 194 20.21 -24.85 18.20
CA GLY B 194 19.83 -25.83 19.19
C GLY B 194 20.68 -27.11 19.14
N TYR B 195 21.34 -27.36 18.00
CA TYR B 195 22.21 -28.52 17.82
C TYR B 195 23.55 -28.41 18.58
N LEU B 196 23.95 -27.18 18.92
CA LEU B 196 25.24 -26.95 19.59
C LEU B 196 25.17 -27.32 21.06
N THR B 197 26.30 -27.79 21.58
CA THR B 197 26.44 -27.98 23.03
C THR B 197 26.67 -26.64 23.71
N GLU B 198 26.64 -26.63 25.04
CA GLU B 198 26.80 -25.39 25.80
CA GLU B 198 26.81 -25.39 25.81
C GLU B 198 28.11 -24.67 25.46
N GLU B 199 29.19 -25.43 25.31
CA GLU B 199 30.54 -24.88 25.05
C GLU B 199 30.66 -24.41 23.61
N GLU B 200 30.18 -25.26 22.68
CA GLU B 200 30.09 -24.92 21.27
C GLU B 200 29.37 -23.59 21.04
N ARG B 201 28.32 -23.33 21.80
CA ARG B 201 27.54 -22.10 21.68
C ARG B 201 28.36 -20.86 22.03
N GLN B 202 29.32 -21.00 22.95
CA GLN B 202 30.17 -19.86 23.30
C GLN B 202 31.26 -19.61 22.25
N ILE B 203 31.57 -20.62 21.45
CA ILE B 203 32.53 -20.48 20.35
C ILE B 203 31.84 -19.97 19.06
N ALA B 204 30.56 -20.32 18.89
CA ALA B 204 29.77 -19.96 17.70
C ALA B 204 29.93 -18.52 17.19
N PRO B 205 29.91 -17.52 18.10
CA PRO B 205 30.00 -16.16 17.61
C PRO B 205 31.24 -15.89 16.77
N GLN B 206 32.26 -16.75 16.86
CA GLN B 206 33.49 -16.54 16.08
C GLN B 206 33.27 -16.56 14.55
N LEU B 207 32.20 -17.19 14.08
CA LEU B 207 31.86 -17.18 12.65
C LEU B 207 31.59 -15.77 12.19
N SER B 208 30.67 -15.10 12.85
CA SER B 208 30.40 -13.70 12.54
C SER B 208 31.65 -12.82 12.75
N LYS B 209 32.38 -13.00 13.85
CA LYS B 209 33.59 -12.19 14.09
C LYS B 209 34.59 -12.34 12.94
N ILE B 210 34.85 -13.59 12.54
CA ILE B 210 35.80 -13.84 11.47
C ILE B 210 35.26 -13.29 10.15
N MET B 211 33.96 -13.44 9.94
CA MET B 211 33.31 -12.88 8.75
C MET B 211 33.45 -11.36 8.71
N TRP B 212 33.25 -10.70 9.86
CA TRP B 212 33.33 -9.24 9.91
C TRP B 212 34.76 -8.73 9.81
N ALA B 213 35.74 -9.52 10.24
CA ALA B 213 37.15 -9.17 10.03
C ALA B 213 37.49 -9.17 8.53
N LEU B 214 37.01 -10.19 7.84
CA LEU B 214 37.18 -10.32 6.39
C LEU B 214 36.53 -9.11 5.71
N ALA B 215 35.30 -8.77 6.10
CA ALA B 215 34.59 -7.63 5.51
C ALA B 215 35.30 -6.31 5.77
N GLU B 216 35.89 -6.15 6.97
CA GLU B 216 36.67 -4.95 7.24
C GLU B 216 37.92 -4.90 6.36
N LYS B 217 38.61 -6.03 6.16
CA LYS B 217 39.71 -6.05 5.20
C LYS B 217 39.22 -5.51 3.83
N MET B 218 38.03 -5.91 3.40
CA MET B 218 37.54 -5.50 2.06
C MET B 218 37.13 -4.03 2.02
N ALA B 219 36.52 -3.53 3.10
CA ALA B 219 36.24 -2.09 3.22
C ALA B 219 37.54 -1.24 3.12
N LEU B 220 38.67 -1.76 3.60
CA LEU B 220 39.97 -1.07 3.42
C LEU B 220 40.55 -1.24 2.01
N GLY B 221 39.86 -1.96 1.13
CA GLY B 221 40.25 -2.10 -0.28
C GLY B 221 40.86 -3.44 -0.68
N GLU B 222 40.93 -4.40 0.25
CA GLU B 222 41.52 -5.73 -0.08
C GLU B 222 40.65 -6.49 -1.09
N ARG B 223 41.29 -7.09 -2.10
CA ARG B 223 40.55 -7.81 -3.14
C ARG B 223 41.10 -9.21 -3.52
N GLN B 224 42.09 -9.69 -2.79
CA GLN B 224 42.64 -11.00 -3.11
C GLN B 224 41.77 -12.06 -2.46
N ILE B 225 40.74 -12.48 -3.19
CA ILE B 225 39.64 -13.27 -2.63
C ILE B 225 40.07 -14.63 -2.08
N ASP B 226 40.77 -15.43 -2.88
CA ASP B 226 41.16 -16.75 -2.40
C ASP B 226 42.02 -16.64 -1.14
N ALA B 227 42.96 -15.69 -1.14
CA ALA B 227 43.85 -15.48 0.01
C ALA B 227 43.10 -15.04 1.26
N LEU B 228 42.10 -14.18 1.08
CA LEU B 228 41.21 -13.76 2.16
C LEU B 228 40.40 -14.92 2.75
N LEU B 229 39.83 -15.75 1.87
CA LEU B 229 39.05 -16.92 2.28
C LEU B 229 39.92 -18.04 2.87
N GLU B 230 41.14 -18.20 2.34
CA GLU B 230 42.09 -19.16 2.90
C GLU B 230 42.40 -18.81 4.36
N GLU B 231 42.65 -17.52 4.62
CA GLU B 231 42.93 -17.06 5.98
C GLU B 231 41.74 -17.28 6.91
N ALA B 232 40.54 -16.90 6.47
CA ALA B 232 39.33 -17.09 7.28
C ALA B 232 39.05 -18.56 7.60
N ALA B 233 39.29 -19.44 6.62
CA ALA B 233 39.22 -20.88 6.84
C ALA B 233 40.24 -21.40 7.88
N ALA B 234 41.48 -20.92 7.80
CA ALA B 234 42.51 -21.26 8.81
C ALA B 234 42.11 -20.77 10.22
N GLN B 235 41.63 -19.52 10.29
CA GLN B 235 41.10 -18.96 11.54
C GLN B 235 39.96 -19.81 12.10
N LEU B 236 39.01 -20.20 11.25
CA LEU B 236 37.91 -21.06 11.68
C LEU B 236 38.44 -22.40 12.23
N LEU B 237 39.28 -23.11 11.47
CA LEU B 237 39.90 -24.33 12.00
C LEU B 237 40.52 -24.12 13.39
N ARG B 238 41.23 -23.00 13.56
CA ARG B 238 41.98 -22.71 14.78
CA ARG B 238 41.99 -22.75 14.79
C ARG B 238 41.09 -22.65 16.02
N VAL B 239 39.91 -22.08 15.86
CA VAL B 239 38.99 -21.93 17.00
C VAL B 239 37.97 -23.09 17.13
N GLY B 240 38.09 -24.13 16.32
CA GLY B 240 37.32 -25.36 16.53
C GLY B 240 36.13 -25.62 15.60
N PHE B 241 36.06 -24.87 14.51
CA PHE B 241 35.11 -25.15 13.43
C PHE B 241 35.79 -26.09 12.45
N THR B 242 35.00 -26.78 11.63
CA THR B 242 35.55 -27.32 10.39
C THR B 242 34.82 -26.56 9.25
N PRO B 243 35.55 -25.68 8.56
CA PRO B 243 34.90 -24.89 7.53
C PRO B 243 34.42 -25.71 6.35
N ASP B 244 33.32 -25.29 5.73
CA ASP B 244 32.87 -25.84 4.45
C ASP B 244 33.35 -24.83 3.36
N GLU B 245 32.86 -24.93 2.13
CA GLU B 245 33.30 -24.01 1.08
C GLU B 245 32.79 -22.59 1.36
N LEU B 246 33.70 -21.62 1.28
CA LEU B 246 33.41 -20.20 1.53
C LEU B 246 33.45 -19.44 0.22
N PHE B 247 32.65 -18.39 0.10
CA PHE B 247 32.64 -17.62 -1.15
C PHE B 247 32.54 -16.12 -0.92
N ILE B 248 33.10 -15.37 -1.86
CA ILE B 248 32.84 -13.93 -1.95
C ILE B 248 32.41 -13.66 -3.39
N ARG B 249 31.18 -13.18 -3.56
CA ARG B 249 30.57 -13.08 -4.87
C ARG B 249 29.89 -11.73 -5.01
N ASP B 250 29.53 -11.39 -6.24
CA ASP B 250 28.78 -10.16 -6.51
C ASP B 250 27.45 -10.29 -5.80
N ALA B 251 27.07 -9.29 -5.01
CA ALA B 251 25.84 -9.38 -4.21
C ALA B 251 24.59 -9.47 -5.07
N GLU B 252 24.61 -8.85 -6.24
CA GLU B 252 23.45 -8.86 -7.14
C GLU B 252 23.27 -10.13 -7.96
N THR B 253 24.34 -10.66 -8.52
CA THR B 253 24.22 -11.73 -9.50
C THR B 253 24.74 -13.05 -8.97
N LEU B 254 25.42 -13.02 -7.82
CA LEU B 254 26.11 -14.20 -7.24
C LEU B 254 27.23 -14.78 -8.11
N GLN B 255 27.70 -14.03 -9.09
CA GLN B 255 28.81 -14.44 -9.92
C GLN B 255 30.10 -13.95 -9.33
N PRO B 256 31.24 -14.47 -9.84
CA PRO B 256 32.47 -13.92 -9.30
C PRO B 256 32.55 -12.40 -9.49
N LEU B 257 33.28 -11.76 -8.59
CA LEU B 257 33.48 -10.33 -8.65
C LEU B 257 34.13 -9.90 -9.97
N THR B 258 33.67 -8.77 -10.49
CA THR B 258 34.23 -8.16 -11.69
C THR B 258 34.48 -6.67 -11.41
N VAL B 259 35.14 -5.99 -12.33
CA VAL B 259 35.43 -4.57 -12.14
CA VAL B 259 35.42 -4.56 -12.21
C VAL B 259 34.10 -3.80 -12.02
N ASP B 260 33.04 -4.31 -12.63
CA ASP B 260 31.69 -3.72 -12.50
C ASP B 260 31.01 -3.92 -11.13
N SER B 261 31.52 -4.82 -10.31
CA SER B 261 30.84 -5.13 -9.06
C SER B 261 30.86 -3.91 -8.12
N GLN B 262 29.71 -3.67 -7.48
CA GLN B 262 29.51 -2.56 -6.56
CA GLN B 262 29.53 -2.57 -6.56
C GLN B 262 29.29 -3.05 -5.13
N GLN B 263 28.85 -4.30 -4.98
CA GLN B 263 28.55 -4.84 -3.67
C GLN B 263 28.92 -6.31 -3.70
N ALA B 264 29.67 -6.75 -2.68
CA ALA B 264 30.01 -8.15 -2.52
C ALA B 264 29.15 -8.74 -1.42
N VAL B 265 28.93 -10.05 -1.53
CA VAL B 265 28.40 -10.79 -0.44
C VAL B 265 29.41 -11.86 -0.05
N ILE B 266 29.76 -11.87 1.23
CA ILE B 266 30.57 -12.93 1.82
C ILE B 266 29.62 -14.02 2.26
N LEU B 267 29.79 -15.23 1.74
CA LEU B 267 28.93 -16.36 2.07
C LEU B 267 29.75 -17.36 2.88
N MET B 268 29.41 -17.52 4.15
CA MET B 268 30.13 -18.40 5.07
C MET B 268 29.34 -19.67 5.38
N ALA B 269 30.05 -20.79 5.48
CA ALA B 269 29.46 -22.02 5.99
C ALA B 269 30.56 -22.80 6.70
N ALA B 270 30.27 -23.24 7.92
CA ALA B 270 31.21 -24.03 8.71
C ALA B 270 30.46 -24.90 9.70
N TRP B 271 31.05 -26.05 10.00
CA TRP B 271 30.52 -26.98 11.00
C TRP B 271 31.08 -26.69 12.38
N LEU B 272 30.21 -26.69 13.39
CA LEU B 272 30.60 -26.62 14.77
C LEU B 272 29.79 -27.69 15.49
N GLY B 273 30.44 -28.82 15.79
CA GLY B 273 29.75 -29.98 16.33
C GLY B 273 28.82 -30.58 15.29
N LYS B 274 27.57 -30.84 15.69
CA LYS B 274 26.55 -31.41 14.80
C LYS B 274 25.89 -30.36 13.88
N ALA B 275 26.15 -29.06 14.14
CA ALA B 275 25.48 -27.96 13.44
C ALA B 275 26.26 -27.45 12.24
N ARG B 276 25.62 -27.37 11.06
CA ARG B 276 26.22 -26.65 9.95
C ARG B 276 25.71 -25.24 9.98
N LEU B 277 26.58 -24.30 10.32
CA LEU B 277 26.16 -22.93 10.51
C LEU B 277 26.51 -22.14 9.25
N ILE B 278 25.62 -21.23 8.83
CA ILE B 278 25.92 -20.31 7.76
C ILE B 278 25.69 -18.89 8.20
N ASP B 279 26.36 -17.99 7.51
CA ASP B 279 26.23 -16.57 7.75
C ASP B 279 26.60 -15.86 6.47
N ASN B 280 26.21 -14.60 6.39
CA ASN B 280 26.61 -13.80 5.28
C ASN B 280 26.66 -12.35 5.67
N GLN B 281 27.39 -11.60 4.86
CA GLN B 281 27.57 -10.18 5.07
C GLN B 281 27.76 -9.48 3.74
N LEU B 282 26.95 -8.46 3.53
CA LEU B 282 27.10 -7.58 2.40
C LEU B 282 28.26 -6.64 2.71
N VAL B 283 28.98 -6.27 1.65
CA VAL B 283 30.18 -5.48 1.73
C VAL B 283 30.08 -4.49 0.61
N ASP B 284 30.02 -3.23 0.98
CA ASP B 284 29.90 -2.19 0.00
C ASP B 284 31.28 -1.97 -0.54
N LEU B 285 31.45 -2.14 -1.84
CA LEU B 285 32.75 -2.08 -2.47
C LEU B 285 33.08 -0.69 -3.02
N ARG B 286 32.11 0.23 -2.95
CA ARG B 286 32.28 1.59 -3.49
C ARG B 286 33.05 2.50 -2.54
N HIS B 287 33.94 3.32 -3.10
CA HIS B 287 34.65 4.34 -2.34
C HIS B 287 35.09 5.42 -3.35
N ASN C 2 -28.96 -2.13 -10.39
CA ASN C 2 -28.91 -3.09 -9.26
C ASN C 2 -29.54 -2.48 -8.00
N ALA C 3 -29.76 -3.33 -7.01
CA ALA C 3 -30.37 -2.93 -5.76
C ALA C 3 -29.43 -1.93 -5.07
N MET C 4 -29.99 -0.89 -4.48
CA MET C 4 -29.20 0.07 -3.73
C MET C 4 -28.53 -0.63 -2.55
N LEU C 5 -27.26 -0.36 -2.33
CA LEU C 5 -26.54 -0.83 -1.16
C LEU C 5 -26.73 0.14 -0.01
N ILE C 6 -26.78 -0.42 1.18
CA ILE C 6 -26.87 0.34 2.43
C ILE C 6 -25.78 -0.21 3.35
N ILE C 7 -24.80 0.64 3.64
CA ILE C 7 -23.60 0.24 4.38
C ILE C 7 -23.50 1.14 5.60
N GLU C 8 -23.22 0.53 6.74
CA GLU C 8 -23.09 1.24 8.02
C GLU C 8 -21.65 1.23 8.55
N THR C 9 -20.81 0.28 8.12
CA THR C 9 -19.48 0.16 8.68
C THR C 9 -18.38 0.66 7.72
N LEU C 10 -17.31 1.19 8.32
CA LEU C 10 -16.20 1.64 7.53
C LEU C 10 -15.48 0.52 6.71
N PRO C 11 -15.29 -0.69 7.27
CA PRO C 11 -14.65 -1.69 6.42
C PRO C 11 -15.45 -2.12 5.20
N LEU C 12 -16.77 -2.24 5.35
CA LEU C 12 -17.57 -2.60 4.22
C LEU C 12 -17.60 -1.44 3.20
N LEU C 13 -17.62 -0.21 3.68
CA LEU C 13 -17.52 0.91 2.78
C LEU C 13 -16.23 0.87 1.92
N ARG C 14 -15.12 0.69 2.63
CA ARG C 14 -13.82 0.72 1.98
CA ARG C 14 -13.78 0.65 2.02
C ARG C 14 -13.72 -0.40 0.92
N GLN C 15 -14.19 -1.60 1.24
CA GLN C 15 -14.28 -2.67 0.24
C GLN C 15 -15.00 -2.22 -1.04
N GLN C 16 -16.14 -1.57 -0.91
CA GLN C 16 -16.92 -1.24 -2.07
C GLN C 16 -16.27 -0.06 -2.84
N ILE C 17 -15.75 0.88 -2.11
CA ILE C 17 -15.10 2.00 -2.76
C ILE C 17 -13.87 1.57 -3.55
N ARG C 18 -13.05 0.70 -2.95
CA ARG C 18 -11.91 0.16 -3.68
C ARG C 18 -12.35 -0.56 -4.97
N ARG C 19 -13.45 -1.30 -4.91
CA ARG C 19 -13.91 -2.04 -6.09
CA ARG C 19 -13.93 -2.05 -6.08
C ARG C 19 -14.27 -1.08 -7.21
N TRP C 20 -15.01 -0.03 -6.89
CA TRP C 20 -15.42 0.91 -7.90
C TRP C 20 -14.22 1.66 -8.48
N ARG C 21 -13.29 2.00 -7.63
CA ARG C 21 -12.07 2.70 -8.04
CA ARG C 21 -12.09 2.71 -8.08
C ARG C 21 -11.23 1.84 -8.97
N GLN C 22 -11.11 0.55 -8.63
CA GLN C 22 -10.35 -0.38 -9.48
C GLN C 22 -11.06 -0.67 -10.82
N GLU C 23 -12.38 -0.61 -10.82
CA GLU C 23 -13.14 -0.75 -12.04
C GLU C 23 -13.14 0.54 -12.88
N GLY C 24 -12.60 1.66 -12.36
CA GLY C 24 -12.62 2.96 -13.05
C GLY C 24 -13.97 3.67 -13.15
N LYS C 25 -14.87 3.40 -12.22
CA LYS C 25 -16.15 4.08 -12.16
C LYS C 25 -15.94 5.49 -11.65
N ARG C 26 -16.60 6.43 -12.28
CA ARG C 26 -16.68 7.82 -11.78
C ARG C 26 -17.68 7.84 -10.62
N ILE C 27 -17.28 8.36 -9.46
CA ILE C 27 -18.11 8.34 -8.25
C ILE C 27 -18.58 9.77 -7.98
N ALA C 28 -19.88 9.94 -7.71
CA ALA C 28 -20.44 11.19 -7.22
C ALA C 28 -20.83 10.99 -5.73
N LEU C 29 -20.69 12.02 -4.93
CA LEU C 29 -21.07 12.02 -3.50
C LEU C 29 -22.06 13.12 -3.18
N VAL C 30 -23.11 12.77 -2.44
CA VAL C 30 -24.03 13.74 -1.95
C VAL C 30 -24.06 13.65 -0.42
N PRO C 31 -23.41 14.60 0.26
CA PRO C 31 -23.46 14.53 1.74
C PRO C 31 -24.75 15.07 2.32
N THR C 32 -25.34 14.35 3.28
CA THR C 32 -26.52 14.83 3.96
C THR C 32 -26.49 14.46 5.41
N MET C 33 -27.40 15.04 6.19
CA MET C 33 -27.64 14.55 7.57
C MET C 33 -28.97 13.86 7.75
N GLY C 34 -29.47 13.28 6.66
CA GLY C 34 -30.75 12.60 6.71
C GLY C 34 -31.96 13.55 6.80
N ASN C 35 -33.08 12.97 7.19
CA ASN C 35 -34.39 13.73 7.16
C ASN C 35 -34.67 14.40 5.80
N LEU C 36 -34.69 13.56 4.75
CA LEU C 36 -34.57 14.03 3.37
C LEU C 36 -35.90 14.46 2.75
N HIS C 37 -35.89 15.52 1.93
CA HIS C 37 -37.08 16.00 1.24
C HIS C 37 -36.74 16.12 -0.25
N GLU C 38 -37.64 16.69 -1.07
CA GLU C 38 -37.37 16.80 -2.50
C GLU C 38 -36.18 17.65 -2.88
N GLY C 39 -35.76 18.60 -2.06
CA GLY C 39 -34.52 19.34 -2.34
C GLY C 39 -33.32 18.43 -2.47
N HIS C 40 -33.25 17.52 -1.51
CA HIS C 40 -32.17 16.56 -1.45
C HIS C 40 -32.23 15.58 -2.61
N MET C 41 -33.42 15.26 -3.08
CA MET C 41 -33.55 14.37 -4.22
C MET C 41 -32.98 15.02 -5.50
N THR C 42 -33.08 16.34 -5.65
CA THR C 42 -32.53 17.03 -6.81
CA THR C 42 -32.51 16.97 -6.85
C THR C 42 -31.00 16.93 -6.80
N LEU C 43 -30.42 16.92 -5.61
CA LEU C 43 -28.95 16.74 -5.47
C LEU C 43 -28.55 15.40 -6.04
N VAL C 44 -29.35 14.39 -5.73
CA VAL C 44 -29.08 13.04 -6.17
C VAL C 44 -29.31 12.97 -7.72
N ASP C 45 -30.41 13.56 -8.19
CA ASP C 45 -30.65 13.59 -9.64
C ASP C 45 -29.49 14.28 -10.41
N GLU C 46 -29.00 15.40 -9.90
CA GLU C 46 -27.83 16.05 -10.50
CA GLU C 46 -27.83 16.04 -10.50
C GLU C 46 -26.57 15.15 -10.48
N ALA C 47 -26.32 14.48 -9.37
CA ALA C 47 -25.14 13.66 -9.22
C ALA C 47 -25.19 12.54 -10.26
N LYS C 48 -26.37 12.00 -10.46
CA LYS C 48 -26.54 10.85 -11.38
C LYS C 48 -26.18 11.18 -12.81
N THR C 49 -26.33 12.43 -13.21
CA THR C 49 -25.99 12.87 -14.57
C THR C 49 -24.52 13.10 -14.78
N ARG C 50 -23.70 13.07 -13.70
CA ARG C 50 -22.29 13.41 -13.75
C ARG C 50 -21.35 12.32 -13.37
N ALA C 51 -21.88 11.16 -13.05
CA ALA C 51 -21.04 10.03 -12.60
C ALA C 51 -21.68 8.74 -12.93
N ASP C 52 -20.91 7.66 -12.79
CA ASP C 52 -21.40 6.30 -12.95
C ASP C 52 -22.17 5.73 -11.76
N VAL C 53 -21.70 6.04 -10.55
CA VAL C 53 -22.33 5.64 -9.32
C VAL C 53 -22.49 6.84 -8.41
N VAL C 54 -23.60 6.86 -7.67
CA VAL C 54 -23.90 7.90 -6.74
C VAL C 54 -23.92 7.37 -5.31
N VAL C 55 -23.07 7.99 -4.48
CA VAL C 55 -23.01 7.71 -3.04
C VAL C 55 -23.69 8.87 -2.31
N VAL C 56 -24.62 8.51 -1.42
CA VAL C 56 -25.30 9.41 -0.58
C VAL C 56 -24.94 9.10 0.86
N THR C 57 -24.41 10.08 1.58
CA THR C 57 -24.17 9.86 3.00
C THR C 57 -25.32 10.40 3.85
N ILE C 58 -25.60 9.69 4.93
CA ILE C 58 -26.55 10.13 5.93
C ILE C 58 -25.81 10.09 7.26
N PHE C 59 -25.47 11.26 7.77
CA PHE C 59 -24.69 11.30 9.01
C PHE C 59 -24.89 12.60 9.73
N VAL C 60 -25.52 12.51 10.88
CA VAL C 60 -25.74 13.66 11.72
C VAL C 60 -24.42 13.87 12.47
N ASN C 61 -23.72 14.95 12.11
CA ASN C 61 -22.31 15.19 12.42
C ASN C 61 -22.15 15.96 13.73
N PRO C 62 -21.79 15.25 14.80
CA PRO C 62 -21.73 15.98 16.07
C PRO C 62 -20.66 17.07 16.11
N LEU C 63 -19.65 17.04 15.23
CA LEU C 63 -18.60 18.06 15.26
C LEU C 63 -19.09 19.44 14.80
N GLN C 64 -20.24 19.47 14.15
CA GLN C 64 -20.78 20.74 13.67
C GLN C 64 -21.92 21.28 14.49
N PHE C 65 -22.24 20.62 15.60
CA PHE C 65 -23.28 21.08 16.51
CA PHE C 65 -23.27 21.05 16.56
C PHE C 65 -22.63 21.95 17.61
N GLU C 66 -23.12 23.17 17.76
CA GLU C 66 -22.60 24.09 18.78
CA GLU C 66 -22.58 24.08 18.79
C GLU C 66 -23.09 23.66 20.17
N ARG C 67 -24.32 23.15 20.24
CA ARG C 67 -24.87 22.62 21.49
CA ARG C 67 -24.86 22.62 21.48
C ARG C 67 -25.00 21.11 21.34
N PRO C 68 -24.30 20.34 22.19
CA PRO C 68 -24.33 18.88 22.05
C PRO C 68 -25.73 18.31 22.09
N ASP C 69 -26.65 18.98 22.79
CA ASP C 69 -28.05 18.53 22.79
C ASP C 69 -28.84 18.67 21.54
N ASP C 70 -28.43 19.55 20.64
CA ASP C 70 -29.14 19.67 19.37
C ASP C 70 -29.05 18.33 18.60
N LEU C 71 -28.07 17.49 18.95
CA LEU C 71 -27.93 16.18 18.33
CA LEU C 71 -27.92 16.16 18.33
C LEU C 71 -29.06 15.25 18.75
N ALA C 72 -29.31 15.21 20.06
CA ALA C 72 -30.36 14.39 20.65
C ALA C 72 -31.74 14.67 20.01
N HIS C 73 -31.92 15.82 19.37
CA HIS C 73 -33.23 16.22 18.83
C HIS C 73 -33.27 16.30 17.31
N TYR C 74 -32.20 15.86 16.63
CA TYR C 74 -32.20 15.81 15.16
C TYR C 74 -32.96 14.57 14.66
N PRO C 75 -33.92 14.75 13.74
CA PRO C 75 -34.73 13.57 13.41
C PRO C 75 -33.92 12.49 12.68
N ARG C 76 -34.19 11.24 13.03
CA ARG C 76 -33.54 10.05 12.49
CA ARG C 76 -33.54 10.11 12.43
C ARG C 76 -34.64 9.29 11.75
N THR C 77 -34.56 9.23 10.43
CA THR C 77 -35.64 8.62 9.62
C THR C 77 -35.01 7.82 8.50
N LEU C 78 -34.14 6.88 8.86
CA LEU C 78 -33.32 6.19 7.86
C LEU C 78 -34.18 5.43 6.86
N GLN C 79 -35.20 4.74 7.35
CA GLN C 79 -36.03 3.92 6.47
C GLN C 79 -36.68 4.79 5.41
N GLU C 80 -37.30 5.89 5.80
CA GLU C 80 -37.93 6.77 4.84
C GLU C 80 -36.92 7.49 3.92
N ASP C 81 -35.76 7.84 4.48
CA ASP C 81 -34.72 8.42 3.64
C ASP C 81 -34.31 7.45 2.50
N CYS C 82 -34.18 6.18 2.86
CA CYS C 82 -33.76 5.18 1.91
C CYS C 82 -34.86 4.86 0.86
N GLU C 83 -36.13 4.93 1.26
CA GLU C 83 -37.24 4.79 0.31
CA GLU C 83 -37.21 4.76 0.29
C GLU C 83 -37.14 5.83 -0.81
N LYS C 84 -36.85 7.06 -0.44
CA LYS C 84 -36.71 8.14 -1.37
C LYS C 84 -35.47 7.97 -2.26
N LEU C 85 -34.36 7.59 -1.64
CA LEU C 85 -33.10 7.44 -2.37
C LEU C 85 -33.11 6.31 -3.34
N THR C 86 -33.72 5.20 -2.99
CA THR C 86 -33.79 4.15 -4.01
C THR C 86 -34.56 4.60 -5.27
N ARG C 87 -35.66 5.29 -5.08
CA ARG C 87 -36.50 5.82 -6.17
C ARG C 87 -35.80 6.87 -7.04
N HIS C 88 -34.77 7.52 -6.50
CA HIS C 88 -33.94 8.45 -7.28
C HIS C 88 -32.60 7.87 -7.76
N GLY C 89 -32.44 6.55 -7.68
CA GLY C 89 -31.33 5.84 -8.30
C GLY C 89 -29.98 5.96 -7.57
N ALA C 90 -29.99 6.32 -6.30
CA ALA C 90 -28.74 6.25 -5.53
C ALA C 90 -28.20 4.85 -5.55
N ASP C 91 -26.88 4.72 -5.64
CA ASP C 91 -26.29 3.36 -5.65
C ASP C 91 -25.88 2.85 -4.30
N LEU C 92 -25.54 3.76 -3.39
CA LEU C 92 -25.04 3.36 -2.06
C LEU C 92 -25.40 4.45 -1.11
N VAL C 93 -25.97 4.03 0.02
CA VAL C 93 -26.22 4.89 1.11
C VAL C 93 -25.24 4.52 2.21
N PHE C 94 -24.49 5.52 2.68
CA PHE C 94 -23.52 5.32 3.77
C PHE C 94 -24.02 6.06 5.01
N ALA C 95 -24.38 5.27 6.01
CA ALA C 95 -25.07 5.73 7.22
C ALA C 95 -24.36 5.22 8.48
N PRO C 96 -23.22 5.85 8.82
CA PRO C 96 -22.42 5.36 9.93
C PRO C 96 -22.88 5.86 11.31
N ALA C 97 -22.42 5.16 12.32
CA ALA C 97 -22.55 5.62 13.70
C ALA C 97 -21.44 6.64 14.03
N ALA C 98 -21.80 7.68 14.79
CA ALA C 98 -20.84 8.66 15.23
C ALA C 98 -19.69 8.03 15.97
N ALA C 99 -19.89 6.93 16.71
CA ALA C 99 -18.80 6.30 17.43
C ALA C 99 -17.72 5.77 16.44
N ASP C 100 -18.14 5.36 15.24
CA ASP C 100 -17.24 4.83 14.24
C ASP C 100 -16.52 5.90 13.45
N ILE C 101 -17.16 7.05 13.33
CA ILE C 101 -16.57 8.17 12.64
C ILE C 101 -15.58 8.96 13.55
N TYR C 102 -15.91 9.09 14.83
CA TYR C 102 -15.10 9.81 15.77
C TYR C 102 -14.78 8.96 17.01
N PRO C 103 -14.11 7.83 16.80
CA PRO C 103 -13.83 6.93 17.91
C PRO C 103 -12.92 7.50 19.02
N ALA C 104 -12.09 8.47 18.68
CA ALA C 104 -11.22 9.17 19.65
C ALA C 104 -11.87 10.45 20.27
N GLY C 105 -13.19 10.61 20.06
CA GLY C 105 -13.93 11.74 20.64
C GLY C 105 -13.80 12.97 19.78
N LEU C 106 -14.44 14.06 20.20
CA LEU C 106 -14.48 15.27 19.39
C LEU C 106 -13.37 16.26 19.65
N GLU C 107 -12.92 16.35 20.89
CA GLU C 107 -11.96 17.38 21.26
CA GLU C 107 -11.94 17.38 21.31
C GLU C 107 -10.60 17.16 20.65
N LYS C 108 -10.17 15.91 20.53
CA LYS C 108 -8.85 15.61 19.98
C LYS C 108 -8.85 15.00 18.56
N GLN C 109 -9.99 15.01 17.91
CA GLN C 109 -10.13 14.68 16.50
C GLN C 109 -9.34 15.65 15.58
N THR C 110 -8.48 15.11 14.69
CA THR C 110 -7.85 15.90 13.59
C THR C 110 -8.90 16.69 12.83
N TYR C 111 -8.64 17.94 12.56
CA TYR C 111 -9.64 18.75 11.92
C TYR C 111 -9.06 19.55 10.75
N VAL C 112 -9.97 20.04 9.92
CA VAL C 112 -9.68 20.89 8.78
C VAL C 112 -10.36 22.20 9.00
N ASP C 113 -9.64 23.31 8.91
CA ASP C 113 -10.21 24.63 9.11
CA ASP C 113 -10.28 24.59 9.05
C ASP C 113 -9.93 25.50 7.89
N VAL C 114 -10.96 26.22 7.42
CA VAL C 114 -10.85 27.11 6.28
C VAL C 114 -10.92 28.51 6.84
N PRO C 115 -9.79 29.21 6.92
CA PRO C 115 -9.74 30.53 7.55
C PRO C 115 -10.69 31.53 6.92
N ALA C 116 -11.22 32.43 7.72
CA ALA C 116 -12.01 33.59 7.25
C ALA C 116 -13.43 33.17 6.88
N LEU C 117 -13.58 32.24 5.93
CA LEU C 117 -14.90 31.80 5.55
CA LEU C 117 -14.88 31.76 5.54
C LEU C 117 -15.58 31.07 6.70
N SER C 118 -14.80 30.48 7.62
CA SER C 118 -15.41 29.74 8.75
C SER C 118 -15.92 30.65 9.89
N THR C 119 -15.48 31.89 9.92
CA THR C 119 -15.71 32.71 11.09
C THR C 119 -16.48 34.01 10.77
N ILE C 120 -16.79 34.28 9.51
CA ILE C 120 -17.63 35.43 9.19
C ILE C 120 -19.09 35.03 9.03
N LEU C 121 -19.98 36.03 8.98
CA LEU C 121 -21.42 35.76 8.73
C LEU C 121 -22.00 34.70 9.67
N GLU C 122 -22.57 33.61 9.12
CA GLU C 122 -23.15 32.57 9.96
CA GLU C 122 -23.14 32.51 9.91
C GLU C 122 -22.11 31.94 10.90
N GLY C 123 -20.84 31.99 10.50
CA GLY C 123 -19.76 31.47 11.37
C GLY C 123 -19.47 32.32 12.61
N ALA C 124 -19.77 33.63 12.55
CA ALA C 124 -19.53 34.56 13.67
C ALA C 124 -20.26 34.16 14.93
N SER C 125 -21.52 33.78 14.80
CA SER C 125 -22.34 33.39 15.94
C SER C 125 -22.15 31.92 16.34
N ARG C 126 -21.54 31.11 15.46
CA ARG C 126 -21.44 29.66 15.68
C ARG C 126 -19.98 29.18 15.65
N PRO C 127 -19.20 29.61 16.66
CA PRO C 127 -17.84 29.13 16.83
C PRO C 127 -17.75 27.60 16.69
N GLY C 128 -16.89 27.15 15.80
CA GLY C 128 -16.63 25.72 15.61
C GLY C 128 -17.54 25.02 14.60
N HIS C 129 -18.64 25.66 14.17
CA HIS C 129 -19.62 24.99 13.28
C HIS C 129 -18.97 24.64 11.96
N PHE C 130 -18.35 25.60 11.30
CA PHE C 130 -17.79 25.35 9.97
C PHE C 130 -16.55 24.50 9.99
N ARG C 131 -15.75 24.56 11.07
CA ARG C 131 -14.69 23.52 11.27
C ARG C 131 -15.28 22.14 11.23
N GLY C 132 -16.43 21.94 11.86
CA GLY C 132 -17.05 20.61 11.86
C GLY C 132 -17.47 20.20 10.46
N VAL C 133 -17.91 21.15 9.67
CA VAL C 133 -18.34 20.91 8.31
C VAL C 133 -17.17 20.58 7.41
N SER C 134 -16.15 21.42 7.41
CA SER C 134 -14.98 21.12 6.58
C SER C 134 -14.31 19.79 7.00
N THR C 135 -14.33 19.45 8.29
CA THR C 135 -13.69 18.24 8.75
C THR C 135 -14.42 17.03 8.24
N ILE C 136 -15.71 16.97 8.45
CA ILE C 136 -16.46 15.79 8.00
C ILE C 136 -16.41 15.65 6.47
N VAL C 137 -16.57 16.76 5.77
CA VAL C 137 -16.58 16.68 4.32
C VAL C 137 -15.21 16.21 3.84
N SER C 138 -14.10 16.75 4.38
CA SER C 138 -12.82 16.25 4.00
C SER C 138 -12.72 14.72 4.26
N LYS C 139 -13.19 14.29 5.44
CA LYS C 139 -13.15 12.88 5.78
C LYS C 139 -13.95 12.01 4.79
N LEU C 140 -15.17 12.41 4.50
CA LEU C 140 -16.00 11.76 3.49
C LEU C 140 -15.32 11.71 2.10
N PHE C 141 -14.62 12.80 1.73
CA PHE C 141 -13.89 12.84 0.48
C PHE C 141 -12.80 11.78 0.46
N ASN C 142 -12.12 11.61 1.58
CA ASN C 142 -11.03 10.64 1.71
C ASN C 142 -11.56 9.24 1.72
N LEU C 143 -12.68 9.03 2.44
CA LEU C 143 -13.33 7.72 2.51
C LEU C 143 -13.91 7.23 1.17
N ILE C 144 -14.49 8.12 0.40
CA ILE C 144 -15.34 7.74 -0.77
C ILE C 144 -14.65 8.09 -2.07
N GLN C 145 -13.68 9.01 -2.02
CA GLN C 145 -12.88 9.35 -3.19
C GLN C 145 -13.73 9.70 -4.44
N PRO C 146 -14.70 10.62 -4.26
CA PRO C 146 -15.58 11.03 -5.37
C PRO C 146 -14.85 11.91 -6.40
N ASP C 147 -15.31 11.81 -7.64
CA ASP C 147 -14.91 12.73 -8.70
C ASP C 147 -15.75 13.99 -8.67
N VAL C 148 -16.96 13.89 -8.11
CA VAL C 148 -17.96 14.94 -8.14
C VAL C 148 -18.67 14.91 -6.83
N ALA C 149 -19.02 16.08 -6.31
CA ALA C 149 -19.82 16.17 -5.07
C ALA C 149 -20.82 17.31 -5.17
N CYS C 150 -22.08 17.03 -4.82
CA CYS C 150 -23.17 17.98 -4.94
C CYS C 150 -23.56 18.59 -3.61
N PHE C 151 -23.71 19.91 -3.56
CA PHE C 151 -24.16 20.62 -2.36
C PHE C 151 -25.27 21.61 -2.81
N GLY C 152 -26.23 21.91 -1.93
CA GLY C 152 -27.27 22.89 -2.25
C GLY C 152 -26.74 24.30 -2.16
N GLU C 153 -27.14 25.14 -3.11
CA GLU C 153 -26.96 26.56 -3.00
C GLU C 153 -27.76 27.10 -1.80
N LYS C 154 -28.76 26.33 -1.38
CA LYS C 154 -29.54 26.65 -0.19
C LYS C 154 -28.67 27.05 1.03
N ASP C 155 -27.60 26.30 1.33
CA ASP C 155 -26.67 26.72 2.43
CA ASP C 155 -26.65 26.67 2.39
C ASP C 155 -25.43 27.21 1.75
N TYR C 156 -25.51 28.49 1.38
CA TYR C 156 -24.55 29.10 0.52
C TYR C 156 -23.15 29.23 1.13
N GLN C 157 -23.07 29.57 2.41
CA GLN C 157 -21.75 29.72 3.06
C GLN C 157 -21.06 28.38 3.10
N GLN C 158 -21.80 27.33 3.42
CA GLN C 158 -21.24 25.97 3.36
C GLN C 158 -20.67 25.63 1.99
N LEU C 159 -21.43 25.90 0.95
CA LEU C 159 -20.97 25.69 -0.43
C LEU C 159 -19.70 26.46 -0.68
N ALA C 160 -19.67 27.75 -0.37
CA ALA C 160 -18.43 28.56 -0.56
C ALA C 160 -17.26 27.98 0.26
N LEU C 161 -17.56 27.48 1.45
CA LEU C 161 -16.53 26.94 2.36
C LEU C 161 -15.90 25.69 1.74
N ILE C 162 -16.72 24.82 1.21
CA ILE C 162 -16.23 23.57 0.65
C ILE C 162 -15.47 23.86 -0.64
N ARG C 163 -15.93 24.82 -1.45
CA ARG C 163 -15.21 25.14 -2.67
C ARG C 163 -13.78 25.58 -2.36
N LYS C 164 -13.60 26.40 -1.31
CA LYS C 164 -12.28 26.93 -0.93
C LYS C 164 -11.40 25.77 -0.39
N MET C 165 -11.96 24.89 0.43
CA MET C 165 -11.22 23.78 0.99
C MET C 165 -10.69 22.95 -0.15
N VAL C 166 -11.56 22.69 -1.14
CA VAL C 166 -11.18 21.83 -2.25
C VAL C 166 -10.03 22.49 -3.07
N ALA C 167 -10.14 23.78 -3.33
CA ALA C 167 -9.12 24.50 -4.05
C ALA C 167 -7.82 24.56 -3.26
N ASP C 168 -7.92 24.85 -1.95
CA ASP C 168 -6.69 24.90 -1.12
C ASP C 168 -6.02 23.56 -0.83
N MET C 169 -6.80 22.48 -0.75
CA MET C 169 -6.29 21.20 -0.25
C MET C 169 -5.96 20.18 -1.33
N GLY C 170 -6.09 20.58 -2.59
CA GLY C 170 -5.72 19.79 -3.70
C GLY C 170 -6.62 18.59 -4.03
N TYR C 171 -7.89 18.69 -3.66
CA TYR C 171 -8.86 17.69 -4.04
C TYR C 171 -9.23 17.81 -5.50
N ASP C 172 -9.13 16.74 -6.24
CA ASP C 172 -9.55 16.76 -7.67
C ASP C 172 -11.03 16.39 -7.76
N ILE C 173 -11.88 17.30 -7.34
CA ILE C 173 -13.29 17.00 -7.22
C ILE C 173 -14.08 18.16 -7.73
N ASN C 174 -15.04 17.87 -8.60
CA ASN C 174 -15.91 18.92 -9.13
C ASN C 174 -17.00 19.15 -8.11
N ILE C 175 -17.04 20.34 -7.52
CA ILE C 175 -18.04 20.71 -6.59
C ILE C 175 -19.20 21.37 -7.33
N VAL C 176 -20.35 20.69 -7.29
CA VAL C 176 -21.55 21.15 -7.97
C VAL C 176 -22.53 21.77 -7.02
N GLY C 177 -22.78 23.05 -7.22
CA GLY C 177 -23.80 23.73 -6.43
C GLY C 177 -25.13 23.58 -7.10
N VAL C 178 -26.10 23.03 -6.39
CA VAL C 178 -27.42 22.79 -6.95
C VAL C 178 -28.44 23.84 -6.55
N PRO C 179 -29.11 24.45 -7.57
CA PRO C 179 -30.11 25.46 -7.27
C PRO C 179 -31.15 25.00 -6.27
N THR C 180 -31.60 25.93 -5.45
CA THR C 180 -32.60 25.61 -4.45
C THR C 180 -33.89 25.15 -5.11
N VAL C 181 -34.46 24.11 -4.56
CA VAL C 181 -35.76 23.64 -4.96
C VAL C 181 -36.80 24.46 -4.22
N ARG C 182 -37.79 24.94 -4.98
CA ARG C 182 -38.86 25.81 -4.50
C ARG C 182 -40.24 25.25 -4.72
N ALA C 183 -41.13 25.55 -3.80
CA ALA C 183 -42.55 25.39 -4.00
C ALA C 183 -43.00 26.25 -5.17
N LYS C 184 -44.17 25.94 -5.71
CA LYS C 184 -44.70 26.74 -6.81
C LYS C 184 -44.90 28.19 -6.37
N ASP C 185 -45.12 28.37 -5.06
CA ASP C 185 -45.00 29.66 -4.35
C ASP C 185 -43.74 30.49 -4.59
N GLY C 186 -42.61 29.80 -4.71
CA GLY C 186 -41.31 30.47 -4.67
C GLY C 186 -40.58 30.17 -3.37
N LEU C 187 -41.30 29.70 -2.36
CA LEU C 187 -40.67 29.36 -1.10
C LEU C 187 -39.67 28.21 -1.28
N ALA C 188 -38.48 28.39 -0.74
CA ALA C 188 -37.44 27.41 -0.79
C ALA C 188 -37.80 26.25 0.14
N LEU C 189 -37.63 25.03 -0.35
CA LEU C 189 -37.91 23.85 0.45
C LEU C 189 -36.91 23.74 1.59
N SER C 190 -37.43 23.52 2.79
CA SER C 190 -36.59 23.28 3.97
C SER C 190 -37.31 22.42 4.97
N SER C 191 -36.53 21.53 5.61
CA SER C 191 -37.02 20.75 6.75
C SER C 191 -37.80 21.66 7.72
N ARG C 192 -37.23 22.82 8.04
CA ARG C 192 -37.83 23.76 9.01
C ARG C 192 -39.12 24.48 8.58
N ASN C 193 -39.51 24.35 7.31
CA ASN C 193 -40.79 24.93 6.84
C ASN C 193 -42.00 24.31 7.55
N GLY C 194 -41.80 23.10 8.10
CA GLY C 194 -42.83 22.35 8.82
C GLY C 194 -43.30 22.95 10.14
N TYR C 195 -42.51 23.85 10.72
CA TYR C 195 -42.86 24.44 12.02
C TYR C 195 -43.60 25.78 11.89
N LEU C 196 -43.87 26.19 10.65
CA LEU C 196 -44.71 27.37 10.37
C LEU C 196 -46.14 26.94 10.58
N THR C 197 -46.98 27.88 10.99
CA THR C 197 -48.43 27.66 11.02
C THR C 197 -49.00 27.78 9.59
N GLU C 198 -50.29 27.48 9.44
CA GLU C 198 -50.96 27.59 8.16
C GLU C 198 -50.94 29.03 7.65
N GLU C 199 -51.33 29.97 8.49
CA GLU C 199 -51.32 31.36 8.08
C GLU C 199 -49.89 31.85 7.77
N GLU C 200 -48.91 31.30 8.48
CA GLU C 200 -47.52 31.69 8.28
C GLU C 200 -46.98 31.16 6.96
N ARG C 201 -47.28 29.90 6.64
CA ARG C 201 -46.95 29.32 5.32
C ARG C 201 -47.42 30.16 4.11
N GLN C 202 -48.50 30.93 4.25
CA GLN C 202 -48.98 31.83 3.20
C GLN C 202 -48.27 33.18 3.15
N ILE C 203 -47.58 33.55 4.23
CA ILE C 203 -46.75 34.77 4.20
C ILE C 203 -45.32 34.44 3.74
N ALA C 204 -44.89 33.22 4.02
CA ALA C 204 -43.54 32.76 3.70
C ALA C 204 -43.00 33.14 2.29
N PRO C 205 -43.83 33.03 1.22
CA PRO C 205 -43.37 33.37 -0.15
C PRO C 205 -42.80 34.76 -0.31
N GLN C 206 -43.06 35.59 0.69
CA GLN C 206 -42.70 37.01 0.59
C GLN C 206 -41.16 37.16 0.69
N LEU C 207 -40.49 36.27 1.42
CA LEU C 207 -39.01 36.30 1.47
C LEU C 207 -38.43 36.25 0.04
N SER C 208 -38.77 35.23 -0.74
CA SER C 208 -38.24 35.14 -2.12
C SER C 208 -38.62 36.35 -2.97
N LYS C 209 -39.86 36.80 -2.86
CA LYS C 209 -40.28 37.87 -3.75
C LYS C 209 -39.51 39.19 -3.48
N ILE C 210 -39.38 39.56 -2.21
CA ILE C 210 -38.57 40.71 -1.77
C ILE C 210 -37.12 40.56 -2.26
N MET C 211 -36.56 39.35 -2.09
CA MET C 211 -35.21 39.07 -2.53
C MET C 211 -35.04 39.31 -4.04
N TRP C 212 -36.01 38.89 -4.83
CA TRP C 212 -35.86 38.92 -6.29
C TRP C 212 -36.06 40.32 -6.86
N ALA C 213 -36.81 41.15 -6.15
CA ALA C 213 -36.97 42.58 -6.53
C ALA C 213 -35.58 43.24 -6.52
N LEU C 214 -34.79 42.90 -5.51
CA LEU C 214 -33.43 43.44 -5.34
C LEU C 214 -32.51 42.93 -6.46
N ALA C 215 -32.50 41.63 -6.70
CA ALA C 215 -31.71 41.09 -7.82
C ALA C 215 -31.93 41.84 -9.16
N GLU C 216 -33.18 42.12 -9.52
CA GLU C 216 -33.49 42.75 -10.80
C GLU C 216 -32.97 44.22 -10.87
N LYS C 217 -33.04 44.95 -9.76
CA LYS C 217 -32.33 46.25 -9.68
C LYS C 217 -30.82 46.12 -10.00
N MET C 218 -30.14 45.13 -9.41
CA MET C 218 -28.71 44.94 -9.64
CA MET C 218 -28.71 44.94 -9.64
C MET C 218 -28.41 44.56 -11.09
N ALA C 219 -29.31 43.80 -11.71
CA ALA C 219 -29.18 43.41 -13.12
C ALA C 219 -29.23 44.66 -14.01
N LEU C 220 -29.98 45.66 -13.58
CA LEU C 220 -30.11 46.94 -14.31
C LEU C 220 -28.92 47.89 -14.00
N GLY C 221 -28.10 47.53 -13.01
CA GLY C 221 -26.91 48.31 -12.65
C GLY C 221 -26.84 48.89 -11.23
N GLU C 222 -27.94 48.89 -10.48
CA GLU C 222 -27.94 49.41 -9.09
C GLU C 222 -26.85 48.83 -8.21
N ARG C 223 -26.11 49.68 -7.48
CA ARG C 223 -25.01 49.24 -6.60
C ARG C 223 -24.98 49.77 -5.15
N GLN C 224 -25.86 50.70 -4.76
CA GLN C 224 -25.82 51.21 -3.39
C GLN C 224 -26.35 50.13 -2.45
N ILE C 225 -25.43 49.34 -1.91
CA ILE C 225 -25.75 48.08 -1.24
C ILE C 225 -26.45 48.27 0.09
N ASP C 226 -25.91 49.16 0.92
CA ASP C 226 -26.44 49.29 2.27
C ASP C 226 -27.87 49.76 2.25
N ALA C 227 -28.26 50.53 1.22
CA ALA C 227 -29.61 51.07 1.09
C ALA C 227 -30.60 50.04 0.52
N LEU C 228 -30.18 49.33 -0.52
CA LEU C 228 -30.93 48.14 -0.99
C LEU C 228 -31.37 47.28 0.20
N LEU C 229 -30.43 46.97 1.09
CA LEU C 229 -30.71 46.15 2.29
C LEU C 229 -31.65 46.80 3.36
N GLU C 230 -31.56 48.13 3.52
CA GLU C 230 -32.39 48.84 4.54
C GLU C 230 -33.87 48.74 4.16
N GLU C 231 -34.14 49.12 2.93
CA GLU C 231 -35.33 48.73 2.16
C GLU C 231 -35.94 47.34 2.53
N ALA C 232 -35.17 46.29 2.25
CA ALA C 232 -35.66 44.94 2.35
C ALA C 232 -35.97 44.52 3.80
N ALA C 233 -35.22 45.04 4.77
CA ALA C 233 -35.50 44.73 6.18
C ALA C 233 -36.89 45.28 6.57
N ALA C 234 -37.28 46.37 5.88
CA ALA C 234 -38.54 47.08 6.15
C ALA C 234 -39.74 46.59 5.32
N GLN C 235 -39.47 46.07 4.11
CA GLN C 235 -40.50 45.50 3.22
CA GLN C 235 -40.55 45.55 3.25
C GLN C 235 -41.09 44.27 3.89
N LEU C 236 -40.32 43.77 4.85
CA LEU C 236 -40.39 42.45 5.41
C LEU C 236 -41.01 42.54 6.81
N LEU C 237 -40.50 43.49 7.58
CA LEU C 237 -41.18 44.07 8.74
C LEU C 237 -42.64 44.34 8.38
N ARG C 238 -42.84 45.11 7.31
CA ARG C 238 -44.17 45.43 6.80
C ARG C 238 -45.11 44.25 6.77
N VAL C 239 -44.62 43.13 6.21
CA VAL C 239 -45.52 42.05 5.82
C VAL C 239 -45.53 40.86 6.79
N GLY C 240 -44.83 40.97 7.91
CA GLY C 240 -45.01 40.01 9.00
C GLY C 240 -43.78 39.29 9.52
N PHE C 241 -42.61 39.53 8.91
CA PHE C 241 -41.36 38.92 9.36
C PHE C 241 -40.65 39.81 10.39
N THR C 242 -39.83 39.14 11.21
CA THR C 242 -38.80 39.78 12.03
C THR C 242 -37.44 39.46 11.37
N PRO C 243 -36.86 40.42 10.62
CA PRO C 243 -35.60 40.13 9.91
C PRO C 243 -34.40 39.91 10.84
N ASP C 244 -33.61 38.89 10.55
CA ASP C 244 -32.23 38.81 11.04
C ASP C 244 -31.46 39.78 10.13
N GLU C 245 -30.16 39.95 10.32
CA GLU C 245 -29.45 40.90 9.44
C GLU C 245 -29.26 40.29 8.05
N LEU C 246 -29.28 41.17 7.06
CA LEU C 246 -29.22 40.82 5.64
CA LEU C 246 -29.20 40.78 5.66
C LEU C 246 -27.83 41.16 5.10
N PHE C 247 -27.43 40.51 4.00
CA PHE C 247 -26.14 40.83 3.38
C PHE C 247 -26.14 40.71 1.87
N ILE C 248 -25.25 41.46 1.22
CA ILE C 248 -24.92 41.27 -0.19
C ILE C 248 -23.41 41.25 -0.26
N ARG C 249 -22.87 40.11 -0.70
CA ARG C 249 -21.44 39.85 -0.63
C ARG C 249 -20.91 39.21 -1.90
N ASP C 250 -19.59 39.14 -1.98
CA ASP C 250 -18.92 38.48 -3.06
C ASP C 250 -19.24 37.00 -3.06
N ALA C 251 -19.65 36.46 -4.21
CA ALA C 251 -20.12 35.06 -4.28
C ALA C 251 -19.07 34.03 -3.91
N GLU C 252 -17.80 34.41 -4.01
CA GLU C 252 -16.70 33.44 -3.80
C GLU C 252 -16.16 33.50 -2.37
N THR C 253 -15.94 34.70 -1.88
CA THR C 253 -15.28 34.93 -0.58
C THR C 253 -16.25 35.30 0.52
N LEU C 254 -17.45 35.77 0.15
CA LEU C 254 -18.46 36.27 1.10
C LEU C 254 -18.03 37.57 1.82
N GLN C 255 -16.93 38.15 1.34
CA GLN C 255 -16.50 39.48 1.80
C GLN C 255 -17.30 40.56 1.07
N PRO C 256 -17.22 41.80 1.58
CA PRO C 256 -17.91 42.88 0.90
C PRO C 256 -17.45 43.03 -0.54
N LEU C 257 -18.39 43.37 -1.43
CA LEU C 257 -18.11 43.50 -2.85
C LEU C 257 -16.98 44.51 -3.13
N THR C 258 -16.31 44.28 -4.25
CA THR C 258 -15.07 44.95 -4.63
C THR C 258 -15.12 45.19 -6.13
N VAL C 259 -14.39 46.20 -6.61
CA VAL C 259 -14.35 46.51 -8.04
C VAL C 259 -14.06 45.25 -8.89
N ASP C 260 -13.28 44.33 -8.31
CA ASP C 260 -12.92 43.06 -8.93
C ASP C 260 -13.92 41.89 -8.75
N SER C 261 -15.00 42.06 -7.97
CA SER C 261 -15.96 40.96 -7.78
C SER C 261 -16.68 40.65 -9.09
N GLN C 262 -16.80 39.37 -9.44
CA GLN C 262 -17.42 38.93 -10.72
C GLN C 262 -18.89 38.50 -10.56
N GLN C 263 -19.28 38.16 -9.32
CA GLN C 263 -20.58 37.59 -9.04
C GLN C 263 -20.93 37.86 -7.57
N ALA C 264 -22.16 38.27 -7.31
CA ALA C 264 -22.58 38.62 -5.95
C ALA C 264 -23.55 37.57 -5.45
N VAL C 265 -23.68 37.46 -4.13
CA VAL C 265 -24.77 36.69 -3.56
C VAL C 265 -25.58 37.57 -2.61
N ILE C 266 -26.89 37.56 -2.76
CA ILE C 266 -27.79 38.21 -1.79
C ILE C 266 -28.16 37.20 -0.69
N LEU C 267 -27.90 37.53 0.58
CA LEU C 267 -28.17 36.62 1.70
C LEU C 267 -29.25 37.16 2.65
N MET C 268 -30.42 36.54 2.56
CA MET C 268 -31.60 36.90 3.31
C MET C 268 -31.77 36.00 4.52
N ALA C 269 -32.23 36.55 5.64
CA ALA C 269 -32.58 35.71 6.79
C ALA C 269 -33.62 36.42 7.65
N ALA C 270 -34.77 35.76 7.87
CA ALA C 270 -35.93 36.42 8.51
C ALA C 270 -36.83 35.44 9.32
N TRP C 271 -37.33 35.92 10.46
CA TRP C 271 -38.06 35.09 11.40
C TRP C 271 -39.52 35.12 11.06
N LEU C 272 -40.16 33.96 11.23
CA LEU C 272 -41.62 33.85 11.14
C LEU C 272 -42.04 32.75 12.12
N GLY C 273 -42.57 33.14 13.28
CA GLY C 273 -42.93 32.19 14.32
C GLY C 273 -41.71 31.39 14.78
N LYS C 274 -41.85 30.06 14.78
CA LYS C 274 -40.79 29.11 15.27
C LYS C 274 -39.53 28.96 14.38
N ALA C 275 -39.70 29.19 13.06
CA ALA C 275 -38.64 28.94 12.10
C ALA C 275 -37.93 30.23 11.66
N ARG C 276 -36.61 30.13 11.56
CA ARG C 276 -35.83 31.14 10.87
C ARG C 276 -35.75 30.73 9.41
N LEU C 277 -36.42 31.48 8.54
CA LEU C 277 -36.36 31.20 7.10
C LEU C 277 -35.15 31.90 6.48
N ILE C 278 -34.57 31.28 5.48
CA ILE C 278 -33.48 31.92 4.78
C ILE C 278 -33.52 31.58 3.29
N ASP C 279 -33.01 32.49 2.47
CA ASP C 279 -33.00 32.37 1.02
C ASP C 279 -31.78 33.13 0.52
N ASN C 280 -31.44 32.92 -0.75
CA ASN C 280 -30.31 33.59 -1.36
C ASN C 280 -30.43 33.58 -2.87
N GLN C 281 -29.68 34.45 -3.51
CA GLN C 281 -29.74 34.60 -4.97
C GLN C 281 -28.42 35.18 -5.50
N LEU C 282 -27.93 34.59 -6.58
CA LEU C 282 -26.69 34.99 -7.23
C LEU C 282 -26.97 35.99 -8.34
N VAL C 283 -26.13 37.01 -8.40
CA VAL C 283 -26.26 38.09 -9.38
C VAL C 283 -24.95 38.24 -10.16
N ASP C 284 -25.03 38.25 -11.49
CA ASP C 284 -23.83 38.33 -12.31
C ASP C 284 -23.44 39.80 -12.44
N LEU C 285 -22.14 40.06 -12.34
CA LEU C 285 -21.60 41.42 -12.29
C LEU C 285 -20.67 41.73 -13.46
N ALA D 3 -16.70 -7.99 -27.56
CA ALA D 3 -15.49 -7.89 -28.45
C ALA D 3 -14.41 -8.83 -27.92
N MET D 4 -14.00 -9.81 -28.72
CA MET D 4 -12.95 -10.76 -28.26
C MET D 4 -11.61 -10.05 -28.14
N LEU D 5 -10.97 -10.18 -26.98
CA LEU D 5 -9.66 -9.56 -26.79
C LEU D 5 -8.58 -10.49 -27.33
N ILE D 6 -7.52 -9.90 -27.87
CA ILE D 6 -6.32 -10.60 -28.29
C ILE D 6 -5.16 -9.90 -27.60
N ILE D 7 -4.42 -10.61 -26.74
CA ILE D 7 -3.30 -10.01 -26.01
C ILE D 7 -2.03 -10.79 -26.33
N GLU D 8 -0.95 -10.06 -26.62
CA GLU D 8 0.33 -10.66 -26.95
C GLU D 8 1.38 -10.46 -25.86
N THR D 9 1.17 -9.49 -24.96
CA THR D 9 2.19 -9.19 -23.98
C THR D 9 1.79 -9.61 -22.57
N LEU D 10 2.80 -9.82 -21.75
CA LEU D 10 2.60 -10.30 -20.40
C LEU D 10 1.99 -9.17 -19.51
N PRO D 11 2.48 -7.92 -19.63
CA PRO D 11 1.89 -6.90 -18.73
C PRO D 11 0.42 -6.66 -18.97
N LEU D 12 0.03 -6.66 -20.25
CA LEU D 12 -1.37 -6.50 -20.60
C LEU D 12 -2.20 -7.70 -20.19
N LEU D 13 -1.66 -8.92 -20.29
CA LEU D 13 -2.39 -10.08 -19.82
C LEU D 13 -2.66 -9.97 -18.33
N ARG D 14 -1.65 -9.57 -17.58
CA ARG D 14 -1.74 -9.54 -16.13
C ARG D 14 -2.78 -8.51 -15.73
N GLN D 15 -2.80 -7.40 -16.44
CA GLN D 15 -3.76 -6.33 -16.09
C GLN D 15 -5.20 -6.89 -16.23
N GLN D 16 -5.44 -7.69 -17.27
CA GLN D 16 -6.79 -8.21 -17.50
C GLN D 16 -7.15 -9.37 -16.54
N ILE D 17 -6.19 -10.23 -16.21
CA ILE D 17 -6.45 -11.35 -15.34
C ILE D 17 -6.71 -10.82 -13.92
N ARG D 18 -5.90 -9.86 -13.51
CA ARG D 18 -6.13 -9.21 -12.22
C ARG D 18 -7.53 -8.57 -12.12
N ARG D 19 -8.04 -8.01 -13.21
CA ARG D 19 -9.36 -7.38 -13.20
CA ARG D 19 -9.37 -7.38 -13.19
C ARG D 19 -10.47 -8.41 -13.02
N TRP D 20 -10.43 -9.48 -13.84
CA TRP D 20 -11.42 -10.57 -13.74
C TRP D 20 -11.41 -11.18 -12.34
N ARG D 21 -10.23 -11.36 -11.77
CA ARG D 21 -10.09 -11.94 -10.43
C ARG D 21 -10.60 -10.99 -9.35
N GLN D 22 -10.37 -9.69 -9.51
CA GLN D 22 -10.93 -8.71 -8.58
C GLN D 22 -12.46 -8.68 -8.66
N GLU D 23 -12.99 -8.88 -9.87
CA GLU D 23 -14.43 -8.84 -10.07
C GLU D 23 -15.08 -10.22 -9.94
N GLY D 24 -14.29 -11.19 -9.44
CA GLY D 24 -14.79 -12.49 -9.01
C GLY D 24 -15.25 -13.46 -10.10
N LYS D 25 -14.82 -13.22 -11.34
CA LYS D 25 -15.30 -14.03 -12.45
C LYS D 25 -14.63 -15.39 -12.41
N ARG D 26 -15.33 -16.41 -12.89
CA ARG D 26 -14.79 -17.74 -12.96
C ARG D 26 -14.11 -17.86 -14.33
N ILE D 27 -12.86 -18.33 -14.33
CA ILE D 27 -12.00 -18.32 -15.51
C ILE D 27 -11.69 -19.75 -15.98
N ALA D 28 -11.88 -19.99 -17.28
CA ALA D 28 -11.51 -21.26 -17.90
C ALA D 28 -10.39 -21.03 -18.91
N LEU D 29 -9.41 -21.94 -18.94
CA LEU D 29 -8.26 -21.90 -19.84
C LEU D 29 -8.22 -23.10 -20.79
N VAL D 30 -7.99 -22.82 -22.07
CA VAL D 30 -7.80 -23.85 -23.11
C VAL D 30 -6.42 -23.60 -23.75
N PRO D 31 -5.41 -24.37 -23.33
CA PRO D 31 -4.11 -24.24 -23.92
C PRO D 31 -4.05 -24.86 -25.31
N THR D 32 -3.50 -24.16 -26.28
CA THR D 32 -3.29 -24.70 -27.64
C THR D 32 -1.96 -24.25 -28.21
N MET D 33 -1.53 -24.91 -29.26
CA MET D 33 -0.39 -24.44 -30.02
C MET D 33 -0.85 -23.90 -31.39
N GLY D 34 -2.12 -23.50 -31.46
CA GLY D 34 -2.65 -22.85 -32.63
C GLY D 34 -2.87 -23.83 -33.79
N ASN D 35 -3.06 -23.26 -34.98
CA ASN D 35 -3.48 -24.02 -36.14
C ASN D 35 -4.72 -24.84 -35.80
N LEU D 36 -5.76 -24.13 -35.42
CA LEU D 36 -6.93 -24.75 -34.80
C LEU D 36 -7.91 -25.33 -35.82
N HIS D 37 -8.55 -26.44 -35.42
CA HIS D 37 -9.58 -27.12 -36.21
C HIS D 37 -10.77 -27.39 -35.28
N GLU D 38 -11.73 -28.21 -35.72
CA GLU D 38 -12.94 -28.43 -34.93
C GLU D 38 -12.71 -29.11 -33.57
N GLY D 39 -11.62 -29.84 -33.41
CA GLY D 39 -11.30 -30.49 -32.14
C GLY D 39 -11.05 -29.50 -31.02
N HIS D 40 -10.37 -28.41 -31.37
CA HIS D 40 -10.10 -27.35 -30.42
C HIS D 40 -11.40 -26.63 -30.10
N MET D 41 -12.25 -26.47 -31.10
CA MET D 41 -13.50 -25.74 -30.90
C MET D 41 -14.37 -26.44 -29.87
N THR D 42 -14.33 -27.77 -29.85
CA THR D 42 -15.00 -28.58 -28.81
C THR D 42 -14.59 -28.15 -27.41
N LEU D 43 -13.28 -28.06 -27.19
CA LEU D 43 -12.71 -27.66 -25.89
C LEU D 43 -13.23 -26.28 -25.48
N VAL D 44 -13.27 -25.37 -26.43
CA VAL D 44 -13.73 -24.01 -26.21
C VAL D 44 -15.23 -23.99 -25.83
N ASP D 45 -16.03 -24.78 -26.55
CA ASP D 45 -17.46 -24.92 -26.24
C ASP D 45 -17.67 -25.53 -24.84
N GLU D 46 -16.84 -26.49 -24.46
CA GLU D 46 -16.92 -27.09 -23.13
C GLU D 46 -16.51 -26.11 -22.04
N ALA D 47 -15.43 -25.36 -22.28
CA ALA D 47 -14.99 -24.33 -21.34
C ALA D 47 -16.10 -23.30 -21.12
N LYS D 48 -16.75 -22.90 -22.20
CA LYS D 48 -17.88 -21.96 -22.15
C LYS D 48 -18.97 -22.35 -21.15
N THR D 49 -19.20 -23.65 -20.96
CA THR D 49 -20.26 -24.15 -20.07
C THR D 49 -19.83 -24.26 -18.59
N ARG D 50 -18.57 -23.95 -18.26
CA ARG D 50 -17.99 -24.19 -16.92
C ARG D 50 -17.40 -22.95 -16.22
N ALA D 51 -17.48 -21.81 -16.89
CA ALA D 51 -16.85 -20.60 -16.37
C ALA D 51 -17.51 -19.36 -16.96
N ASP D 52 -17.19 -18.21 -16.39
CA ASP D 52 -17.76 -16.94 -16.84
C ASP D 52 -17.02 -16.40 -18.04
N VAL D 53 -15.69 -16.57 -18.05
CA VAL D 53 -14.86 -16.16 -19.17
C VAL D 53 -13.98 -17.34 -19.61
N VAL D 54 -13.75 -17.46 -20.92
CA VAL D 54 -12.84 -18.45 -21.49
C VAL D 54 -11.58 -17.82 -22.10
N VAL D 55 -10.43 -18.24 -21.61
CA VAL D 55 -9.13 -17.84 -22.13
C VAL D 55 -8.53 -18.99 -22.95
N VAL D 56 -8.21 -18.71 -24.21
CA VAL D 56 -7.51 -19.64 -25.08
C VAL D 56 -6.08 -19.15 -25.32
N THR D 57 -5.09 -20.00 -25.10
CA THR D 57 -3.71 -19.57 -25.38
C THR D 57 -3.29 -20.23 -26.67
N ILE D 58 -2.57 -19.48 -27.51
CA ILE D 58 -1.94 -20.01 -28.71
C ILE D 58 -0.44 -19.78 -28.55
N PHE D 59 0.31 -20.85 -28.30
CA PHE D 59 1.73 -20.69 -28.14
C PHE D 59 2.44 -21.97 -28.57
N VAL D 60 3.22 -21.88 -29.64
CA VAL D 60 4.10 -22.97 -30.10
C VAL D 60 5.32 -22.99 -29.17
N ASN D 61 5.31 -23.96 -28.26
CA ASN D 61 6.20 -23.98 -27.11
C ASN D 61 7.53 -24.69 -27.41
N PRO D 62 8.62 -23.91 -27.62
CA PRO D 62 9.91 -24.50 -27.99
C PRO D 62 10.43 -25.52 -26.99
N LEU D 63 10.06 -25.34 -25.72
CA LEU D 63 10.55 -26.20 -24.64
C LEU D 63 10.08 -27.68 -24.77
N GLN D 64 9.00 -27.93 -25.52
CA GLN D 64 8.46 -29.29 -25.66
C GLN D 64 8.74 -29.96 -27.01
N PHE D 65 9.64 -29.38 -27.81
CA PHE D 65 10.02 -30.02 -29.10
C PHE D 65 11.34 -30.76 -28.92
N GLU D 66 11.43 -31.97 -29.45
CA GLU D 66 12.70 -32.70 -29.40
C GLU D 66 13.71 -32.04 -30.37
N ARG D 67 13.23 -31.59 -31.52
CA ARG D 67 14.10 -30.94 -32.51
C ARG D 67 13.78 -29.45 -32.68
N PRO D 68 14.79 -28.58 -32.47
CA PRO D 68 14.66 -27.14 -32.68
C PRO D 68 13.91 -26.78 -33.98
N ASP D 69 14.21 -27.46 -35.09
CA ASP D 69 13.66 -27.05 -36.37
CA ASP D 69 13.68 -27.16 -36.42
C ASP D 69 12.21 -27.48 -36.61
N ASP D 70 11.66 -28.35 -35.76
CA ASP D 70 10.24 -28.69 -35.86
C ASP D 70 9.37 -27.51 -35.44
N LEU D 71 9.95 -26.58 -34.69
CA LEU D 71 9.30 -25.29 -34.38
C LEU D 71 9.17 -24.43 -35.65
N ALA D 72 10.24 -24.39 -36.45
CA ALA D 72 10.24 -23.66 -37.71
C ALA D 72 9.14 -24.12 -38.66
N HIS D 73 8.92 -25.44 -38.74
CA HIS D 73 7.96 -26.04 -39.67
CA HIS D 73 7.93 -25.95 -39.70
C HIS D 73 6.53 -26.10 -39.10
N TYR D 74 6.38 -25.81 -37.80
CA TYR D 74 5.05 -25.83 -37.17
C TYR D 74 4.18 -24.74 -37.80
N PRO D 75 2.96 -25.11 -38.25
CA PRO D 75 2.12 -24.13 -38.96
C PRO D 75 1.65 -22.98 -38.07
N ARG D 76 1.58 -21.78 -38.64
CA ARG D 76 1.28 -20.56 -37.92
C ARG D 76 0.20 -19.78 -38.66
N THR D 77 -1.03 -19.81 -38.11
CA THR D 77 -2.22 -19.27 -38.76
C THR D 77 -3.08 -18.50 -37.75
N LEU D 78 -2.53 -17.41 -37.22
CA LEU D 78 -3.17 -16.69 -36.11
C LEU D 78 -4.50 -16.09 -36.53
N GLN D 79 -4.56 -15.53 -37.73
CA GLN D 79 -5.78 -14.90 -38.24
C GLN D 79 -6.94 -15.90 -38.30
N GLU D 80 -6.69 -17.06 -38.92
CA GLU D 80 -7.72 -18.08 -39.09
C GLU D 80 -8.12 -18.66 -37.73
N ASP D 81 -7.15 -18.82 -36.83
CA ASP D 81 -7.42 -19.32 -35.47
C ASP D 81 -8.42 -18.39 -34.74
N CYS D 82 -8.18 -17.10 -34.85
CA CYS D 82 -8.98 -16.11 -34.14
C CYS D 82 -10.41 -16.00 -34.68
N GLU D 83 -10.59 -16.32 -35.97
CA GLU D 83 -11.92 -16.33 -36.57
CA GLU D 83 -11.93 -16.32 -36.57
C GLU D 83 -12.79 -17.40 -35.92
N LYS D 84 -12.19 -18.57 -35.71
CA LYS D 84 -12.91 -19.72 -35.17
C LYS D 84 -13.31 -19.49 -33.72
N LEU D 85 -12.36 -19.01 -32.93
CA LEU D 85 -12.57 -18.75 -31.52
C LEU D 85 -13.57 -17.60 -31.32
N THR D 86 -13.56 -16.63 -32.23
CA THR D 86 -14.55 -15.55 -32.21
C THR D 86 -15.96 -16.11 -32.41
N ARG D 87 -16.09 -17.09 -33.29
CA ARG D 87 -17.39 -17.71 -33.54
C ARG D 87 -17.86 -18.55 -32.36
N HIS D 88 -16.93 -19.16 -31.65
CA HIS D 88 -17.28 -20.00 -30.51
C HIS D 88 -17.25 -19.23 -29.20
N GLY D 89 -17.02 -17.91 -29.27
CA GLY D 89 -17.18 -17.04 -28.10
C GLY D 89 -16.07 -17.11 -27.06
N ALA D 90 -14.83 -17.20 -27.54
CA ALA D 90 -13.71 -17.02 -26.64
C ALA D 90 -13.70 -15.58 -26.19
N ASP D 91 -13.40 -15.38 -24.93
CA ASP D 91 -13.38 -14.05 -24.37
C ASP D 91 -12.00 -13.38 -24.55
N LEU D 92 -10.93 -14.19 -24.52
CA LEU D 92 -9.55 -13.67 -24.64
C LEU D 92 -8.66 -14.70 -25.30
N VAL D 93 -7.88 -14.25 -26.29
CA VAL D 93 -6.82 -15.07 -26.85
C VAL D 93 -5.46 -14.49 -26.45
N PHE D 94 -4.59 -15.34 -25.91
CA PHE D 94 -3.24 -14.94 -25.47
C PHE D 94 -2.27 -15.65 -26.36
N ALA D 95 -1.51 -14.87 -27.13
CA ALA D 95 -0.66 -15.36 -28.21
C ALA D 95 0.67 -14.66 -28.13
N PRO D 96 1.52 -15.11 -27.20
CA PRO D 96 2.80 -14.46 -26.89
C PRO D 96 3.92 -14.87 -27.80
N ALA D 97 4.98 -14.06 -27.77
CA ALA D 97 6.21 -14.39 -28.46
C ALA D 97 7.00 -15.28 -27.54
N ALA D 98 7.71 -16.28 -28.12
CA ALA D 98 8.61 -17.13 -27.35
C ALA D 98 9.65 -16.33 -26.56
N ALA D 99 10.18 -15.26 -27.17
CA ALA D 99 11.12 -14.36 -26.48
C ALA D 99 10.55 -13.79 -25.16
N ASP D 100 9.25 -13.56 -25.09
CA ASP D 100 8.64 -13.00 -23.89
C ASP D 100 8.35 -14.05 -22.81
N ILE D 101 8.13 -15.29 -23.25
CA ILE D 101 7.85 -16.40 -22.33
C ILE D 101 9.11 -17.00 -21.76
N TYR D 102 10.16 -17.05 -22.59
CA TYR D 102 11.48 -17.57 -22.19
C TYR D 102 12.61 -16.61 -22.48
N PRO D 103 12.54 -15.42 -21.85
CA PRO D 103 13.56 -14.41 -22.07
C PRO D 103 14.97 -14.82 -21.68
N ALA D 104 15.10 -15.72 -20.73
CA ALA D 104 16.41 -16.23 -20.24
C ALA D 104 16.85 -17.53 -20.98
N GLY D 105 16.13 -17.86 -22.05
CA GLY D 105 16.48 -18.99 -22.91
C GLY D 105 15.94 -20.31 -22.34
N LEU D 106 16.23 -21.40 -23.03
CA LEU D 106 15.60 -22.69 -22.71
C LEU D 106 16.42 -23.51 -21.71
N GLU D 107 17.74 -23.42 -21.78
CA GLU D 107 18.62 -24.30 -20.99
C GLU D 107 18.55 -24.02 -19.49
N LYS D 108 18.40 -22.75 -19.12
CA LYS D 108 18.41 -22.34 -17.71
C LYS D 108 17.06 -21.80 -17.24
N GLN D 109 16.01 -22.05 -18.01
CA GLN D 109 14.64 -21.81 -17.58
C GLN D 109 14.23 -22.78 -16.46
N THR D 110 13.63 -22.21 -15.41
CA THR D 110 13.00 -22.98 -14.33
C THR D 110 12.00 -23.96 -14.94
N TYR D 111 12.03 -25.21 -14.50
CA TYR D 111 11.16 -26.22 -15.08
C TYR D 111 10.44 -27.02 -14.01
N VAL D 112 9.32 -27.62 -14.42
CA VAL D 112 8.48 -28.49 -13.59
C VAL D 112 8.54 -29.88 -14.25
N ASP D 113 8.81 -30.90 -13.47
CA ASP D 113 8.98 -32.24 -14.00
C ASP D 113 8.07 -33.18 -13.20
N VAL D 114 7.30 -33.99 -13.92
CA VAL D 114 6.42 -34.98 -13.26
C VAL D 114 7.06 -36.37 -13.41
N PRO D 115 7.62 -36.91 -12.33
CA PRO D 115 8.40 -38.13 -12.40
C PRO D 115 7.57 -39.29 -12.91
N ALA D 116 8.20 -40.19 -13.65
CA ALA D 116 7.56 -41.45 -14.03
C ALA D 116 6.75 -41.20 -15.31
N LEU D 117 5.69 -40.40 -15.15
CA LEU D 117 4.68 -40.21 -16.18
C LEU D 117 5.29 -39.47 -17.38
N SER D 118 6.34 -38.70 -17.13
CA SER D 118 7.00 -37.94 -18.17
C SER D 118 7.95 -38.80 -18.99
N THR D 119 8.43 -39.90 -18.41
CA THR D 119 9.51 -40.68 -19.05
C THR D 119 9.18 -42.12 -19.45
N ILE D 120 7.94 -42.56 -19.23
CA ILE D 120 7.49 -43.85 -19.73
C ILE D 120 6.71 -43.60 -21.03
N LEU D 121 6.45 -44.65 -21.79
CA LEU D 121 5.66 -44.56 -23.02
C LEU D 121 6.17 -43.49 -24.03
N GLU D 122 5.36 -42.45 -24.29
CA GLU D 122 5.73 -41.39 -25.25
CA GLU D 122 5.72 -41.40 -25.26
C GLU D 122 6.98 -40.68 -24.79
N GLY D 123 7.06 -40.47 -23.48
CA GLY D 123 8.21 -39.85 -22.88
C GLY D 123 9.48 -40.63 -22.93
N ALA D 124 9.35 -41.97 -23.11
CA ALA D 124 10.49 -42.84 -23.29
C ALA D 124 11.22 -42.53 -24.59
N SER D 125 10.45 -42.22 -25.64
CA SER D 125 11.05 -41.95 -26.94
C SER D 125 11.32 -40.46 -27.16
N ARG D 126 10.84 -39.61 -26.26
CA ARG D 126 10.93 -38.17 -26.46
C ARG D 126 11.46 -37.48 -25.20
N PRO D 127 12.77 -37.63 -24.94
CA PRO D 127 13.42 -36.89 -23.86
C PRO D 127 13.13 -35.41 -23.96
N GLY D 128 12.76 -34.83 -22.83
CA GLY D 128 12.50 -33.41 -22.76
C GLY D 128 11.09 -32.99 -23.13
N HIS D 129 10.34 -33.83 -23.86
CA HIS D 129 9.03 -33.36 -24.34
C HIS D 129 8.01 -32.99 -23.23
N PHE D 130 7.73 -33.91 -22.32
CA PHE D 130 6.78 -33.64 -21.27
C PHE D 130 7.23 -32.63 -20.21
N ARG D 131 8.53 -32.58 -19.92
CA ARG D 131 9.07 -31.51 -19.10
C ARG D 131 8.59 -30.15 -19.67
N GLY D 132 8.65 -30.02 -20.98
CA GLY D 132 8.25 -28.78 -21.66
C GLY D 132 6.75 -28.51 -21.51
N VAL D 133 5.97 -29.57 -21.56
CA VAL D 133 4.53 -29.50 -21.38
C VAL D 133 4.15 -29.08 -19.95
N SER D 134 4.68 -29.80 -18.96
CA SER D 134 4.40 -29.45 -17.58
C SER D 134 4.84 -28.01 -17.25
N THR D 135 6.03 -27.64 -17.73
CA THR D 135 6.58 -26.34 -17.45
C THR D 135 5.69 -25.24 -17.99
N ILE D 136 5.35 -25.29 -19.27
CA ILE D 136 4.51 -24.22 -19.86
C ILE D 136 3.11 -24.22 -19.27
N VAL D 137 2.55 -25.39 -18.98
CA VAL D 137 1.20 -25.41 -18.43
C VAL D 137 1.20 -24.82 -17.01
N SER D 138 2.18 -25.19 -16.19
CA SER D 138 2.34 -24.54 -14.89
C SER D 138 2.42 -23.04 -15.08
N LYS D 139 3.29 -22.58 -16.00
CA LYS D 139 3.47 -21.13 -16.16
C LYS D 139 2.15 -20.45 -16.53
N LEU D 140 1.41 -21.05 -17.46
CA LEU D 140 0.13 -20.55 -17.86
C LEU D 140 -0.91 -20.53 -16.74
N PHE D 141 -0.87 -21.55 -15.89
CA PHE D 141 -1.69 -21.57 -14.69
C PHE D 141 -1.35 -20.40 -13.79
N ASN D 142 -0.07 -20.12 -13.61
CA ASN D 142 0.30 -19.02 -12.70
C ASN D 142 -0.09 -17.69 -13.27
N LEU D 143 0.09 -17.55 -14.58
CA LEU D 143 -0.20 -16.31 -15.29
C LEU D 143 -1.68 -15.98 -15.33
N ILE D 144 -2.52 -17.01 -15.55
CA ILE D 144 -3.95 -16.83 -15.83
C ILE D 144 -4.91 -17.21 -14.69
N GLN D 145 -4.40 -18.01 -13.76
CA GLN D 145 -5.14 -18.42 -12.55
C GLN D 145 -6.54 -18.91 -12.84
N PRO D 146 -6.65 -19.92 -13.73
CA PRO D 146 -7.97 -20.41 -14.09
C PRO D 146 -8.57 -21.27 -12.98
N ASP D 147 -9.88 -21.33 -12.93
CA ASP D 147 -10.59 -22.31 -12.09
C ASP D 147 -10.77 -23.65 -12.77
N VAL D 148 -10.72 -23.65 -14.11
CA VAL D 148 -10.94 -24.84 -14.89
C VAL D 148 -10.05 -24.78 -16.14
N ALA D 149 -9.53 -25.93 -16.56
CA ALA D 149 -8.75 -26.00 -17.77
C ALA D 149 -9.16 -27.25 -18.57
N CYS D 150 -9.39 -27.10 -19.88
CA CYS D 150 -9.80 -28.20 -20.73
C CYS D 150 -8.66 -28.69 -21.61
N PHE D 151 -8.52 -30.03 -21.69
CA PHE D 151 -7.48 -30.69 -22.49
C PHE D 151 -8.16 -31.86 -23.19
N GLY D 152 -7.67 -32.21 -24.38
CA GLY D 152 -8.26 -33.28 -25.14
C GLY D 152 -7.86 -34.65 -24.62
N GLU D 153 -8.78 -35.61 -24.74
CA GLU D 153 -8.46 -36.99 -24.46
C GLU D 153 -7.60 -37.59 -25.57
N LYS D 154 -7.58 -36.93 -26.73
CA LYS D 154 -6.66 -37.29 -27.82
C LYS D 154 -5.23 -37.47 -27.31
N ASP D 155 -4.74 -36.52 -26.50
CA ASP D 155 -3.42 -36.68 -25.86
C ASP D 155 -3.55 -37.20 -24.43
N TYR D 156 -3.76 -38.51 -24.34
CA TYR D 156 -4.12 -39.18 -23.08
C TYR D 156 -3.03 -39.04 -22.03
N GLN D 157 -1.80 -39.38 -22.39
CA GLN D 157 -0.68 -39.34 -21.44
C GLN D 157 -0.50 -37.90 -20.93
N GLN D 158 -0.58 -36.94 -21.83
CA GLN D 158 -0.51 -35.52 -21.44
C GLN D 158 -1.57 -35.20 -20.39
N LEU D 159 -2.79 -35.68 -20.61
CA LEU D 159 -3.91 -35.36 -19.71
C LEU D 159 -3.65 -35.94 -18.31
N ALA D 160 -3.17 -37.18 -18.25
CA ALA D 160 -2.77 -37.81 -16.96
C ALA D 160 -1.59 -37.09 -16.31
N LEU D 161 -0.67 -36.63 -17.14
CA LEU D 161 0.48 -35.88 -16.68
C LEU D 161 0.07 -34.54 -16.01
N ILE D 162 -0.81 -33.80 -16.67
CA ILE D 162 -1.29 -32.49 -16.13
C ILE D 162 -2.14 -32.73 -14.88
N ARG D 163 -3.02 -33.72 -14.90
CA ARG D 163 -3.73 -34.09 -13.68
C ARG D 163 -2.82 -34.38 -12.49
N LYS D 164 -1.72 -35.08 -12.73
CA LYS D 164 -0.80 -35.39 -11.64
C LYS D 164 -0.07 -34.15 -11.14
N MET D 165 0.43 -33.35 -12.07
CA MET D 165 1.05 -32.07 -11.72
C MET D 165 0.10 -31.24 -10.84
N VAL D 166 -1.16 -31.12 -11.26
CA VAL D 166 -2.17 -30.33 -10.56
C VAL D 166 -2.37 -30.84 -9.14
N ALA D 167 -2.46 -32.16 -8.99
CA ALA D 167 -2.65 -32.75 -7.68
C ALA D 167 -1.40 -32.57 -6.82
N ASP D 168 -0.21 -32.91 -7.33
CA ASP D 168 1.03 -32.79 -6.56
C ASP D 168 1.44 -31.32 -6.19
N MET D 169 1.12 -30.37 -7.06
CA MET D 169 1.60 -28.99 -6.90
C MET D 169 0.62 -28.04 -6.24
N GLY D 170 -0.51 -28.58 -5.82
CA GLY D 170 -1.54 -27.84 -5.10
C GLY D 170 -2.30 -26.78 -5.92
N TYR D 171 -2.44 -27.00 -7.22
CA TYR D 171 -3.36 -26.18 -8.01
C TYR D 171 -4.82 -26.49 -7.74
N ASP D 172 -5.59 -25.45 -7.46
CA ASP D 172 -7.03 -25.64 -7.29
C ASP D 172 -7.75 -25.37 -8.62
N ILE D 173 -7.64 -26.31 -9.54
CA ILE D 173 -8.07 -26.14 -10.92
C ILE D 173 -8.72 -27.44 -11.35
N ASN D 174 -9.97 -27.38 -11.77
CA ASN D 174 -10.64 -28.55 -12.28
C ASN D 174 -10.10 -28.88 -13.66
N ILE D 175 -9.51 -30.06 -13.83
CA ILE D 175 -9.00 -30.46 -15.15
C ILE D 175 -10.06 -31.29 -15.85
N VAL D 176 -10.54 -30.77 -16.97
CA VAL D 176 -11.60 -31.43 -17.74
C VAL D 176 -11.00 -32.07 -18.98
N GLY D 177 -11.24 -33.37 -19.13
CA GLY D 177 -10.88 -34.12 -20.34
C GLY D 177 -12.04 -34.10 -21.32
N VAL D 178 -11.82 -33.60 -22.54
CA VAL D 178 -12.86 -33.49 -23.57
C VAL D 178 -12.71 -34.63 -24.59
N PRO D 179 -13.80 -35.36 -24.89
CA PRO D 179 -13.72 -36.47 -25.85
C PRO D 179 -13.19 -36.09 -27.24
N THR D 180 -12.43 -37.00 -27.85
CA THR D 180 -11.62 -36.69 -29.02
C THR D 180 -12.39 -36.61 -30.34
N PRO D 243 4.37 -48.02 -38.54
CA PRO D 243 3.78 -48.40 -37.25
C PRO D 243 4.83 -48.41 -36.13
N ASP D 244 4.44 -47.94 -34.95
CA ASP D 244 5.37 -47.77 -33.83
C ASP D 244 4.96 -48.59 -32.61
N GLU D 245 5.76 -48.53 -31.54
CA GLU D 245 5.50 -49.23 -30.29
C GLU D 245 4.07 -49.03 -29.78
N LEU D 246 3.42 -50.13 -29.41
CA LEU D 246 2.01 -50.14 -29.04
C LEU D 246 1.87 -50.68 -27.61
N PHE D 247 1.01 -50.03 -26.81
CA PHE D 247 0.82 -50.42 -25.42
C PHE D 247 -0.67 -50.57 -25.02
N ILE D 248 -0.89 -51.26 -23.90
CA ILE D 248 -2.21 -51.41 -23.27
C ILE D 248 -1.99 -51.36 -21.75
N ARG D 249 -2.34 -50.23 -21.10
CA ARG D 249 -2.17 -50.04 -19.64
C ARG D 249 -3.39 -49.41 -18.96
N VAL D 265 -6.92 -48.44 -21.27
CA VAL D 265 -6.82 -47.62 -22.48
C VAL D 265 -5.88 -48.30 -23.47
N ILE D 266 -6.30 -48.37 -24.74
CA ILE D 266 -5.41 -48.82 -25.82
C ILE D 266 -4.60 -47.60 -26.22
N LEU D 267 -3.29 -47.75 -26.39
CA LEU D 267 -2.42 -46.63 -26.74
C LEU D 267 -1.55 -46.97 -27.96
N MET D 268 -1.94 -46.41 -29.12
CA MET D 268 -1.29 -46.70 -30.40
C MET D 268 -0.36 -45.56 -30.82
N ALA D 269 0.34 -45.78 -31.93
CA ALA D 269 1.13 -44.75 -32.61
C ALA D 269 1.62 -45.31 -33.95
N ALA D 270 1.95 -44.44 -34.90
CA ALA D 270 2.46 -44.89 -36.20
C ALA D 270 3.33 -43.84 -36.89
N ALA D 275 5.27 -37.18 -40.34
CA ALA D 275 3.88 -37.64 -40.31
C ALA D 275 3.67 -38.75 -39.26
N ARG D 276 3.59 -38.38 -37.98
CA ARG D 276 3.41 -39.37 -36.89
C ARG D 276 2.03 -39.30 -36.21
N LEU D 277 1.16 -40.26 -36.55
CA LEU D 277 -0.18 -40.34 -35.97
C LEU D 277 -0.17 -40.95 -34.57
N ILE D 278 -1.12 -40.52 -33.74
CA ILE D 278 -1.39 -41.14 -32.43
C ILE D 278 -2.90 -41.38 -32.24
N ASP D 279 -3.26 -42.40 -31.45
CA ASP D 279 -4.67 -42.71 -31.17
C ASP D 279 -4.89 -43.53 -29.89
N ASN D 280 -6.13 -43.54 -29.40
CA ASN D 280 -6.43 -44.12 -28.08
C ASN D 280 -7.89 -44.50 -27.86
N GLN D 281 -8.09 -45.29 -26.80
CA GLN D 281 -9.38 -45.55 -26.11
C GLN D 281 -9.59 -47.02 -25.78
#